data_5V8P
#
_entry.id   5V8P
#
_cell.length_a   73.172
_cell.length_b   67.327
_cell.length_c   98.140
_cell.angle_alpha   90.00
_cell.angle_beta   105.60
_cell.angle_gamma   90.00
#
_symmetry.space_group_name_H-M   'P 1 21 1'
#
loop_
_entity.id
_entity.type
_entity.pdbx_description
1 polymer 'Botulinum neurotoxin type A'
2 non-polymer 'ZINC ION'
3 non-polymer N-[3-(4-chlorophenyl)-1H-pyrazol-5-yl]-2-sulfanylacetamide
4 water water
#
_entity_poly.entity_id   1
_entity_poly.type   'polypeptide(L)'
_entity_poly.pdbx_seq_one_letter_code
;MGSSHHHHHHSSGLVPRGSHMQFVNKQFNYKDPVNGVDIAYIKIPNVGQMQPVKAFKIHNKIWVIPERDTFTNPEEGDLN
PPPEAKQVPVSYYDSTYLSTDNEKDNYLKGVTKLFERIYSTDLGRMLLTSIVRGIPFWGGSTIDTELKVIDTNCINVIQP
DGSYRSEELNLVIIGPSADIIQFECKSFGHEVLNLTRNGYGSTQYIRFSPDFTFGFEESLEVDTNPLLGAGKFATDPAVT
LAHELIHAGHRLYGIAINPNRVFKVNTNAYYEMSGLEVSFEELRTFGGHDAKFIDSLQENEFRLYYYNKFKDIASTLNKA
KSIVGTTASLQYMKNVFKEKYLLSEDTSGKFSVDKLKFDKLYKMLTEIYTEDNFVKFFKVLNRKTYLNFDKAVFKINIVP
KVNYTIYDGFNLRNTNLAANFNGQNTEINNMNFTKLKNFTGLFE
;
_entity_poly.pdbx_strand_id   A,B
#
# COMPACT_ATOMS: atom_id res chain seq x y z
N SER A 11 -10.60 21.63 8.77
CA SER A 11 -10.39 20.32 8.07
C SER A 11 -8.94 20.14 7.65
N SER A 12 -8.46 18.90 7.73
CA SER A 12 -7.04 18.62 7.50
C SER A 12 -6.71 18.35 6.04
N GLY A 13 -7.68 17.92 5.24
CA GLY A 13 -7.38 17.54 3.86
C GLY A 13 -6.42 16.39 3.75
N LEU A 14 -6.60 15.36 4.57
CA LEU A 14 -5.72 14.20 4.54
C LEU A 14 -6.07 13.19 3.46
N VAL A 15 -7.21 13.33 2.80
CA VAL A 15 -7.62 12.38 1.78
C VAL A 15 -8.14 13.18 0.58
N PRO A 16 -7.29 13.97 -0.08
CA PRO A 16 -7.76 14.81 -1.18
C PRO A 16 -8.36 14.04 -2.36
N ARG A 17 -8.03 12.75 -2.52
CA ARG A 17 -8.54 11.95 -3.61
C ARG A 17 -8.76 10.53 -3.12
N GLY A 18 -9.96 10.02 -3.35
CA GLY A 18 -10.31 8.69 -2.90
C GLY A 18 -11.08 8.73 -1.59
N SER A 19 -11.33 7.53 -1.07
CA SER A 19 -12.06 7.39 0.18
C SER A 19 -11.16 7.42 1.41
N HIS A 20 -9.93 6.90 1.32
CA HIS A 20 -9.09 6.73 2.49
C HIS A 20 -7.65 7.05 2.13
N MET A 21 -6.87 7.43 3.15
CA MET A 21 -5.44 7.66 2.95
C MET A 21 -4.79 6.42 2.35
N GLN A 22 -3.80 6.62 1.49
CA GLN A 22 -3.25 5.52 0.72
C GLN A 22 -2.01 4.88 1.35
N PHE A 23 -1.42 5.49 2.38
CA PHE A 23 -0.26 4.87 3.02
C PHE A 23 -0.47 4.73 4.52
N VAL A 24 -0.93 5.80 5.19
CA VAL A 24 -1.23 5.73 6.61
C VAL A 24 -2.56 5.00 6.82
N ASN A 25 -2.59 4.08 7.79
CA ASN A 25 -3.68 3.12 7.89
C ASN A 25 -4.92 3.63 8.61
N LYS A 26 -4.79 4.64 9.47
CA LYS A 26 -5.95 5.19 10.15
C LYS A 26 -5.72 6.67 10.37
N GLN A 27 -6.81 7.44 10.36
CA GLN A 27 -6.74 8.83 10.77
C GLN A 27 -6.78 8.81 12.29
N PHE A 28 -5.61 8.69 12.90
CA PHE A 28 -5.57 8.63 14.34
C PHE A 28 -5.88 9.98 14.95
N ASN A 29 -6.42 9.92 16.16
CA ASN A 29 -6.45 11.04 17.10
C ASN A 29 -5.55 10.66 18.25
N TYR A 30 -4.74 11.59 18.74
CA TYR A 30 -3.86 11.21 19.84
C TYR A 30 -4.63 10.56 20.98
N LYS A 31 -5.86 11.03 21.25
CA LYS A 31 -6.65 10.57 22.37
C LYS A 31 -7.34 9.24 22.11
N ASP A 32 -7.20 8.69 20.90
CA ASP A 32 -7.82 7.42 20.60
C ASP A 32 -7.41 6.38 21.64
N PRO A 33 -8.25 5.39 21.94
CA PRO A 33 -7.88 4.41 22.96
C PRO A 33 -6.76 3.49 22.49
N VAL A 34 -5.88 3.14 23.43
CA VAL A 34 -4.95 2.05 23.20
C VAL A 34 -5.73 0.81 22.82
N ASN A 35 -5.08 -0.05 22.05
CA ASN A 35 -5.70 -1.30 21.62
C ASN A 35 -4.69 -2.40 21.34
N GLY A 36 -3.39 -2.17 21.56
CA GLY A 36 -2.37 -3.19 21.39
C GLY A 36 -2.05 -3.56 19.96
N VAL A 37 -2.63 -2.89 18.96
CA VAL A 37 -2.48 -3.30 17.59
C VAL A 37 -1.82 -2.19 16.79
N ASP A 38 -2.46 -1.01 16.74
CA ASP A 38 -1.88 0.16 16.09
C ASP A 38 -1.96 1.42 16.94
N ILE A 39 -2.57 1.36 18.12
CA ILE A 39 -2.45 2.38 19.14
C ILE A 39 -2.03 1.68 20.41
N ALA A 40 -0.90 2.08 21.00
CA ALA A 40 -0.39 1.28 22.09
C ALA A 40 0.67 2.04 22.88
N TYR A 41 0.86 1.58 24.11
CA TYR A 41 2.02 1.97 24.90
C TYR A 41 3.18 1.02 24.57
N ILE A 42 4.35 1.57 24.30
CA ILE A 42 5.47 0.77 23.84
C ILE A 42 6.69 1.16 24.65
N LYS A 43 7.74 0.34 24.60
CA LYS A 43 9.03 0.71 25.18
C LYS A 43 10.17 0.21 24.31
N ILE A 44 11.29 0.93 24.36
CA ILE A 44 12.43 0.72 23.46
C ILE A 44 13.48 -0.07 24.21
N PRO A 45 13.77 -1.33 23.83
CA PRO A 45 14.74 -2.12 24.61
C PRO A 45 16.14 -1.51 24.66
N GLN A 49 16.16 2.16 31.26
CA GLN A 49 14.79 1.70 31.12
C GLN A 49 13.83 2.87 31.39
N MET A 50 12.93 3.08 30.43
CA MET A 50 12.13 4.29 30.31
C MET A 50 10.76 4.11 30.97
N GLN A 51 9.81 4.96 30.60
CA GLN A 51 8.43 4.89 31.07
C GLN A 51 7.54 4.73 29.84
N PRO A 52 6.52 3.85 29.89
CA PRO A 52 5.83 3.49 28.65
C PRO A 52 5.31 4.71 27.92
N VAL A 53 5.46 4.71 26.60
CA VAL A 53 5.11 5.86 25.78
C VAL A 53 4.05 5.44 24.77
N LYS A 54 3.06 6.31 24.57
CA LYS A 54 1.94 6.01 23.70
C LYS A 54 2.33 6.27 22.25
N ALA A 55 2.16 5.27 21.38
CA ALA A 55 2.68 5.33 20.02
C ALA A 55 1.60 4.94 19.03
N PHE A 56 1.76 5.37 17.79
CA PHE A 56 0.78 5.06 16.77
C PHE A 56 1.46 4.34 15.61
N LYS A 57 0.90 3.23 15.20
CA LYS A 57 1.43 2.44 14.11
C LYS A 57 0.76 2.92 12.83
N ILE A 58 1.46 3.77 12.05
CA ILE A 58 0.83 4.37 10.86
C ILE A 58 0.88 3.47 9.65
N HIS A 59 1.70 2.42 9.67
CA HIS A 59 1.84 1.52 8.54
C HIS A 59 2.58 0.29 9.05
N ASN A 60 2.48 -0.82 8.32
CA ASN A 60 3.33 -1.96 8.65
C ASN A 60 4.78 -1.52 8.77
N LYS A 61 5.42 -1.90 9.88
CA LYS A 61 6.84 -1.66 10.19
C LYS A 61 7.17 -0.21 10.56
N ILE A 62 6.18 0.67 10.71
CA ILE A 62 6.44 2.09 10.94
C ILE A 62 5.56 2.59 12.06
N TRP A 63 6.16 3.10 13.12
CA TRP A 63 5.46 3.62 14.29
C TRP A 63 5.80 5.08 14.53
N VAL A 64 4.83 5.82 15.05
CA VAL A 64 5.01 7.23 15.35
C VAL A 64 4.86 7.45 16.85
N ILE A 65 5.89 8.05 17.45
CA ILE A 65 5.87 8.40 18.86
C ILE A 65 5.71 9.91 18.92
N PRO A 66 4.50 10.45 19.23
CA PRO A 66 4.29 11.90 19.29
C PRO A 66 4.83 12.53 20.58
N GLU A 67 6.09 12.28 20.88
CA GLU A 67 6.71 12.72 22.10
C GLU A 67 8.09 13.28 21.77
N ARG A 68 8.56 14.21 22.60
CA ARG A 68 9.97 14.59 22.57
C ARG A 68 10.82 13.35 22.85
N ASP A 69 11.95 13.25 22.16
CA ASP A 69 12.85 12.11 22.34
C ASP A 69 13.72 12.34 23.57
N THR A 70 13.39 11.67 24.67
CA THR A 70 14.30 11.54 25.80
C THR A 70 14.72 10.09 26.02
N PHE A 71 14.53 9.22 25.03
CA PHE A 71 14.64 7.79 25.21
C PHE A 71 15.84 7.17 24.51
N THR A 72 16.09 7.57 23.26
CA THR A 72 17.09 6.88 22.47
C THR A 72 18.47 6.98 23.09
N ASN A 73 18.90 8.20 23.42
CA ASN A 73 20.21 8.39 24.01
C ASN A 73 20.08 8.60 25.51
N PRO A 74 20.65 7.75 26.36
CA PRO A 74 20.61 8.03 27.80
C PRO A 74 21.27 9.35 28.17
N GLU A 75 22.25 9.80 27.39
CA GLU A 75 22.89 11.09 27.59
C GLU A 75 22.04 12.27 27.12
N GLU A 76 20.85 12.00 26.54
CA GLU A 76 19.93 13.05 26.11
C GLU A 76 18.55 12.75 26.70
N GLY A 77 18.44 12.80 28.02
CA GLY A 77 17.20 12.55 28.73
C GLY A 77 16.49 13.81 29.20
N ASP A 78 17.01 15.00 28.86
CA ASP A 78 16.47 16.28 29.32
C ASP A 78 16.42 17.26 28.14
N LEU A 79 15.55 18.27 28.26
CA LEU A 79 15.19 19.11 27.11
C LEU A 79 15.61 20.59 27.23
N ASN A 80 16.57 20.91 28.10
CA ASN A 80 17.13 22.23 28.34
C ASN A 80 18.46 22.38 27.68
N PRO A 81 18.90 23.61 27.41
CA PRO A 81 20.16 23.77 26.69
C PRO A 81 21.34 23.56 27.60
N PRO A 82 22.51 23.19 27.06
CA PRO A 82 23.74 22.95 27.82
C PRO A 82 24.46 24.23 28.28
N VAL A 90 24.34 26.47 15.74
CA VAL A 90 23.14 26.33 14.92
C VAL A 90 22.03 25.51 15.63
N SER A 91 21.08 26.15 16.32
CA SER A 91 20.26 25.43 17.28
C SER A 91 19.07 26.27 17.73
N TYR A 92 18.11 25.60 18.41
CA TYR A 92 16.94 26.24 18.99
C TYR A 92 16.29 25.36 20.06
N TYR A 93 16.00 25.91 21.25
CA TYR A 93 15.36 25.10 22.28
C TYR A 93 14.02 25.69 22.72
N ASP A 94 13.24 24.82 23.38
CA ASP A 94 11.94 25.09 23.96
C ASP A 94 11.37 23.85 24.63
N SER A 95 11.45 23.79 25.97
CA SER A 95 10.96 22.63 26.71
C SER A 95 9.44 22.54 26.71
N THR A 96 8.76 23.64 26.39
CA THR A 96 7.31 23.65 26.29
C THR A 96 6.82 22.84 25.10
N TYR A 97 7.60 22.76 24.03
CA TYR A 97 7.11 22.18 22.79
C TYR A 97 6.78 20.70 22.95
N LEU A 98 5.56 20.35 22.53
CA LEU A 98 5.08 18.98 22.41
C LEU A 98 4.84 18.33 23.77
N SER A 99 4.50 19.13 24.79
CA SER A 99 4.23 18.61 26.12
C SER A 99 2.75 18.40 26.40
N THR A 100 1.86 19.06 25.66
CA THR A 100 0.43 18.91 25.85
C THR A 100 -0.16 17.96 24.81
N ASP A 101 -1.40 17.54 25.06
CA ASP A 101 -2.00 16.56 24.17
C ASP A 101 -2.40 17.18 22.83
N ASN A 102 -2.96 18.39 22.84
CA ASN A 102 -3.30 19.02 21.56
C ASN A 102 -2.09 19.02 20.63
N GLU A 103 -0.91 19.29 21.20
CA GLU A 103 0.32 19.28 20.44
C GLU A 103 0.63 17.89 19.88
N LYS A 104 0.51 16.85 20.72
CA LYS A 104 0.81 15.50 20.25
C LYS A 104 -0.13 15.11 19.13
N ASP A 105 -1.38 15.56 19.21
CA ASP A 105 -2.35 15.33 18.15
C ASP A 105 -2.00 16.11 16.88
N ASN A 106 -1.61 17.38 17.05
CA ASN A 106 -1.16 18.18 15.90
C ASN A 106 0.06 17.55 15.22
N TYR A 107 0.99 17.01 16.01
CA TYR A 107 2.18 16.44 15.41
C TYR A 107 1.86 15.11 14.74
N LEU A 108 1.07 14.26 15.40
CA LEU A 108 0.67 13.01 14.77
C LEU A 108 -0.01 13.28 13.44
N LYS A 109 -0.83 14.34 13.39
CA LYS A 109 -1.48 14.67 12.13
C LYS A 109 -0.50 15.27 11.13
N GLY A 110 0.44 16.09 11.58
CA GLY A 110 1.40 16.67 10.66
C GLY A 110 2.28 15.63 9.99
N VAL A 111 2.73 14.65 10.77
CA VAL A 111 3.53 13.56 10.23
C VAL A 111 2.70 12.72 9.28
N THR A 112 1.45 12.44 9.65
CA THR A 112 0.54 11.72 8.76
C THR A 112 0.45 12.41 7.41
N LYS A 113 0.10 13.70 7.43
CA LYS A 113 -0.14 14.41 6.19
C LYS A 113 1.06 14.31 5.28
N LEU A 114 2.26 14.37 5.86
CA LEU A 114 3.48 14.43 5.07
C LEU A 114 3.79 13.07 4.43
N PHE A 115 3.63 11.96 5.17
CA PHE A 115 3.64 10.65 4.54
C PHE A 115 2.71 10.60 3.35
N GLU A 116 1.46 11.03 3.52
CA GLU A 116 0.56 11.03 2.38
C GLU A 116 1.12 11.89 1.27
N ARG A 117 1.72 13.03 1.62
CA ARG A 117 2.29 13.90 0.59
C ARG A 117 3.42 13.20 -0.14
N ILE A 118 4.25 12.46 0.58
CA ILE A 118 5.38 11.82 -0.07
C ILE A 118 4.87 10.68 -0.95
N TYR A 119 3.90 9.93 -0.43
CA TYR A 119 3.33 8.81 -1.18
C TYR A 119 2.46 9.30 -2.33
N SER A 120 2.11 10.58 -2.37
CA SER A 120 1.40 11.12 -3.52
C SER A 120 2.30 11.32 -4.73
N THR A 121 3.59 11.01 -4.61
CA THR A 121 4.52 11.15 -5.72
C THR A 121 5.08 9.78 -6.06
N ASP A 122 5.28 9.51 -7.35
CA ASP A 122 5.87 8.24 -7.76
C ASP A 122 7.12 7.93 -6.94
N LEU A 123 8.04 8.90 -6.86
CA LEU A 123 9.30 8.65 -6.14
C LEU A 123 9.04 8.27 -4.69
N GLY A 124 8.03 8.89 -4.06
CA GLY A 124 7.78 8.60 -2.66
C GLY A 124 7.18 7.22 -2.46
N ARG A 125 6.35 6.77 -3.40
CA ARG A 125 5.86 5.40 -3.33
C ARG A 125 7.00 4.40 -3.43
N MET A 126 7.88 4.57 -4.41
CA MET A 126 9.06 3.73 -4.53
C MET A 126 9.82 3.65 -3.22
N LEU A 127 10.11 4.83 -2.65
CA LEU A 127 10.94 4.95 -1.44
C LEU A 127 10.28 4.32 -0.23
N LEU A 128 9.01 4.63 0.01
CA LEU A 128 8.35 4.06 1.19
C LEU A 128 8.17 2.56 1.03
N THR A 129 7.93 2.09 -0.19
CA THR A 129 7.87 0.65 -0.40
C THR A 129 9.19 0.02 -0.04
N SER A 130 10.28 0.56 -0.59
CA SER A 130 11.60 0.01 -0.28
C SER A 130 11.81 -0.05 1.23
N ILE A 131 11.42 1.01 1.96
CA ILE A 131 11.66 1.06 3.40
C ILE A 131 10.91 -0.06 4.11
N VAL A 132 9.63 -0.22 3.79
CA VAL A 132 8.82 -1.23 4.48
C VAL A 132 9.37 -2.62 4.20
N ARG A 133 9.81 -2.86 2.96
CA ARG A 133 10.45 -4.13 2.60
C ARG A 133 11.81 -4.36 3.26
N GLY A 134 12.48 -3.32 3.73
CA GLY A 134 13.81 -3.49 4.26
C GLY A 134 13.87 -4.00 5.69
N ILE A 135 13.39 -5.22 5.93
CA ILE A 135 13.41 -5.72 7.31
C ILE A 135 14.86 -5.86 7.76
N PRO A 136 15.21 -5.41 8.97
CA PRO A 136 16.58 -5.63 9.45
C PRO A 136 16.91 -7.09 9.53
N PHE A 137 18.10 -7.43 9.05
CA PHE A 137 18.47 -8.83 8.93
C PHE A 137 18.40 -9.51 10.31
N TRP A 138 18.27 -10.83 10.29
CA TRP A 138 18.33 -11.63 11.51
C TRP A 138 19.74 -12.17 11.67
N GLY A 139 20.64 -11.30 12.11
CA GLY A 139 22.02 -11.70 12.35
C GLY A 139 22.39 -11.76 13.82
N GLY A 140 21.38 -11.85 14.70
CA GLY A 140 21.64 -11.76 16.12
C GLY A 140 22.13 -13.02 16.78
N SER A 141 22.52 -14.04 16.01
CA SER A 141 22.93 -15.31 16.58
C SER A 141 24.44 -15.49 16.50
N THR A 142 24.98 -16.14 17.53
CA THR A 142 26.38 -16.52 17.57
C THR A 142 26.61 -17.94 17.04
N ILE A 143 25.60 -18.54 16.43
CA ILE A 143 25.74 -19.87 15.82
C ILE A 143 25.44 -19.70 14.33
N ASP A 144 26.43 -19.99 13.50
CA ASP A 144 26.34 -19.67 12.07
C ASP A 144 25.25 -20.48 11.37
N THR A 145 24.74 -21.53 11.99
CA THR A 145 23.67 -22.33 11.42
C THR A 145 22.30 -21.82 11.81
N GLU A 146 22.22 -20.70 12.51
CA GLU A 146 21.02 -20.30 13.22
C GLU A 146 20.67 -18.87 12.83
N LEU A 147 19.45 -18.66 12.36
CA LEU A 147 18.90 -17.32 12.23
C LEU A 147 18.24 -16.92 13.54
N LYS A 148 18.37 -15.64 13.88
CA LYS A 148 17.86 -15.09 15.13
C LYS A 148 17.74 -13.58 14.97
N VAL A 149 16.67 -13.01 15.54
CA VAL A 149 16.51 -11.57 15.47
C VAL A 149 17.54 -10.88 16.35
N ILE A 150 17.72 -9.59 16.08
CA ILE A 150 18.44 -8.68 16.96
C ILE A 150 17.39 -7.85 17.69
N ASP A 151 17.32 -7.96 19.01
CA ASP A 151 16.18 -7.42 19.73
C ASP A 151 16.22 -5.90 19.90
N THR A 152 17.28 -5.22 19.48
CA THR A 152 17.22 -3.78 19.34
C THR A 152 16.61 -3.34 18.01
N ASN A 153 16.25 -4.29 17.15
CA ASN A 153 15.37 -4.02 16.02
C ASN A 153 13.90 -4.26 16.36
N CYS A 154 13.53 -4.10 17.63
CA CYS A 154 12.19 -4.41 18.11
C CYS A 154 11.73 -3.33 19.08
N ILE A 155 10.42 -3.25 19.25
CA ILE A 155 9.80 -2.56 20.37
C ILE A 155 8.89 -3.55 21.08
N ASN A 156 8.68 -3.33 22.37
CA ASN A 156 7.70 -4.09 23.12
C ASN A 156 6.39 -3.33 23.13
N VAL A 157 5.32 -4.02 22.78
CA VAL A 157 4.00 -3.44 22.55
C VAL A 157 3.09 -3.96 23.65
N ILE A 158 2.68 -3.07 24.54
CA ILE A 158 1.77 -3.46 25.59
C ILE A 158 0.37 -3.62 25.03
N GLN A 159 -0.31 -4.68 25.45
CA GLN A 159 -1.68 -4.96 25.06
C GLN A 159 -2.66 -4.28 26.01
N PRO A 160 -3.96 -4.32 25.71
CA PRO A 160 -4.93 -3.78 26.66
C PRO A 160 -4.89 -4.46 28.02
N ASP A 161 -4.61 -5.77 28.06
CA ASP A 161 -4.64 -6.51 29.32
C ASP A 161 -3.31 -6.44 30.07
N GLY A 162 -2.34 -5.70 29.56
CA GLY A 162 -1.11 -5.45 30.28
C GLY A 162 0.08 -6.27 29.85
N SER A 163 -0.12 -7.25 28.96
CA SER A 163 0.96 -8.08 28.48
C SER A 163 1.76 -7.36 27.39
N TYR A 164 3.03 -7.72 27.28
CA TYR A 164 3.88 -7.25 26.21
C TYR A 164 3.87 -8.27 25.08
N ARG A 165 4.27 -7.82 23.90
CA ARG A 165 4.80 -8.71 22.87
C ARG A 165 5.87 -7.93 22.11
N SER A 166 6.95 -8.62 21.78
CA SER A 166 8.05 -8.01 21.04
C SER A 166 7.67 -7.99 19.56
N GLU A 167 7.69 -6.80 18.96
CA GLU A 167 7.31 -6.60 17.57
C GLU A 167 8.45 -5.93 16.81
N GLU A 168 8.82 -6.52 15.69
CA GLU A 168 9.85 -5.95 14.83
C GLU A 168 9.28 -4.80 14.04
N LEU A 169 10.14 -3.81 13.76
CA LEU A 169 9.69 -2.66 13.00
C LEU A 169 10.91 -2.05 12.31
N ASN A 170 10.65 -1.30 11.24
CA ASN A 170 11.75 -0.75 10.46
C ASN A 170 12.01 0.71 10.78
N LEU A 171 10.99 1.44 11.20
CA LEU A 171 11.08 2.89 11.20
C LEU A 171 10.23 3.45 12.32
N VAL A 172 10.83 4.33 13.10
CA VAL A 172 10.12 5.09 14.11
C VAL A 172 10.34 6.57 13.81
N ILE A 173 9.24 7.34 13.79
CA ILE A 173 9.32 8.79 13.77
C ILE A 173 8.99 9.29 15.17
N ILE A 174 9.93 10.02 15.77
CA ILE A 174 9.79 10.51 17.13
C ILE A 174 10.13 12.00 17.13
N GLY A 175 9.67 12.69 18.17
CA GLY A 175 9.93 14.11 18.31
C GLY A 175 11.39 14.38 18.62
N PRO A 176 11.80 15.62 18.48
CA PRO A 176 13.21 15.98 18.73
C PRO A 176 13.56 16.00 20.20
N SER A 177 14.86 15.91 20.47
CA SER A 177 15.39 16.10 21.81
C SER A 177 15.47 17.58 22.19
N ALA A 178 16.31 17.93 23.16
CA ALA A 178 16.42 19.32 23.59
C ALA A 178 16.50 20.26 22.40
N ASP A 179 17.31 19.91 21.41
CA ASP A 179 17.52 20.76 20.23
C ASP A 179 16.42 20.47 19.23
N ILE A 180 15.38 21.29 19.24
CA ILE A 180 14.21 21.04 18.41
C ILE A 180 14.56 21.00 16.93
N ILE A 181 15.54 21.80 16.51
CA ILE A 181 15.88 21.86 15.08
C ILE A 181 16.72 20.69 14.61
N GLN A 182 17.36 19.95 15.52
CA GLN A 182 18.23 18.86 15.09
C GLN A 182 17.37 17.69 14.62
N PHE A 183 17.39 17.43 13.32
CA PHE A 183 16.73 16.28 12.74
C PHE A 183 17.77 15.26 12.30
N GLU A 184 17.54 13.99 12.59
CA GLU A 184 18.51 12.96 12.23
C GLU A 184 17.84 11.60 12.19
N CYS A 185 18.50 10.68 11.50
CA CYS A 185 18.06 9.30 11.37
C CYS A 185 19.11 8.43 12.06
N LYS A 186 18.85 8.00 13.30
CA LYS A 186 19.82 7.22 14.04
C LYS A 186 19.23 5.90 14.48
N SER A 187 20.10 5.04 14.98
CA SER A 187 19.71 3.67 15.23
C SER A 187 20.67 3.06 16.25
N PHE A 188 20.25 1.94 16.82
CA PHE A 188 21.03 1.26 17.84
C PHE A 188 22.06 0.34 17.19
N GLY A 189 23.28 0.37 17.73
CA GLY A 189 24.38 -0.39 17.18
C GLY A 189 24.62 -1.69 17.93
N HIS A 190 25.41 -2.55 17.31
CA HIS A 190 25.73 -3.88 17.83
C HIS A 190 27.15 -3.85 18.37
N GLU A 191 27.38 -4.60 19.46
CA GLU A 191 28.74 -4.69 20.00
C GLU A 191 29.77 -4.84 18.89
N VAL A 192 29.59 -5.86 18.06
CA VAL A 192 30.59 -6.20 17.07
C VAL A 192 30.19 -5.81 15.65
N LEU A 193 28.89 -5.72 15.36
CA LEU A 193 28.43 -5.49 14.00
C LEU A 193 28.19 -4.02 13.75
N ASN A 194 28.57 -3.58 12.55
CA ASN A 194 28.18 -2.26 12.05
C ASN A 194 26.96 -2.49 11.17
N LEU A 195 25.79 -2.44 11.78
CA LEU A 195 24.59 -2.91 11.10
C LEU A 195 24.22 -2.02 9.92
N THR A 196 24.46 -0.72 10.03
CA THR A 196 24.14 0.19 8.95
C THR A 196 25.13 0.11 7.80
N ARG A 197 26.20 -0.68 7.93
CA ARG A 197 27.20 -0.70 6.89
C ARG A 197 27.69 -2.11 6.54
N ASN A 198 26.98 -3.16 6.95
CA ASN A 198 27.33 -4.52 6.55
C ASN A 198 26.23 -5.20 5.74
N GLY A 199 25.17 -4.47 5.37
CA GLY A 199 24.07 -5.02 4.65
C GLY A 199 22.89 -5.46 5.49
N TYR A 200 23.09 -5.66 6.79
CA TYR A 200 22.02 -6.16 7.64
C TYR A 200 20.93 -5.13 7.82
N GLY A 201 21.32 -3.90 8.15
CA GLY A 201 20.37 -2.88 8.50
C GLY A 201 19.91 -3.07 9.93
N SER A 202 19.08 -2.12 10.37
CA SER A 202 18.63 -2.02 11.75
C SER A 202 17.49 -1.03 11.79
N THR A 203 16.74 -1.05 12.90
CA THR A 203 15.57 -0.20 13.04
C THR A 203 15.99 1.26 13.17
N GLN A 204 15.43 2.11 12.33
CA GLN A 204 15.83 3.50 12.24
C GLN A 204 14.86 4.39 13.00
N TYR A 205 15.40 5.36 13.72
CA TYR A 205 14.60 6.36 14.41
C TYR A 205 14.89 7.75 13.84
N ILE A 206 13.84 8.45 13.44
CA ILE A 206 13.97 9.76 12.85
C ILE A 206 13.43 10.78 13.84
N ARG A 207 14.35 11.57 14.42
CA ARG A 207 13.99 12.75 15.20
C ARG A 207 13.54 13.83 14.23
N PHE A 208 12.26 14.16 14.27
CA PHE A 208 11.68 15.04 13.26
C PHE A 208 10.54 15.81 13.87
N SER A 209 10.37 17.04 13.40
CA SER A 209 9.21 17.83 13.76
C SER A 209 8.55 18.35 12.50
N PRO A 210 7.23 18.18 12.35
CA PRO A 210 6.52 18.85 11.25
C PRO A 210 6.13 20.27 11.56
N ASP A 211 6.49 20.74 12.75
CA ASP A 211 6.01 21.99 13.32
C ASP A 211 6.98 23.14 13.14
N PHE A 212 8.22 22.87 12.73
CA PHE A 212 9.15 23.94 12.40
C PHE A 212 9.82 23.60 11.08
N THR A 213 10.55 24.58 10.54
CA THR A 213 11.21 24.41 9.26
C THR A 213 12.28 25.50 9.12
N PHE A 214 13.06 25.39 8.05
CA PHE A 214 14.28 26.17 7.86
C PHE A 214 14.08 27.18 6.74
N GLY A 215 14.76 28.32 6.88
CA GLY A 215 14.76 29.33 5.84
C GLY A 215 15.97 29.23 4.92
N PHE A 216 15.78 29.74 3.70
CA PHE A 216 16.89 29.90 2.76
C PHE A 216 16.53 31.06 1.83
N GLU A 217 17.55 31.75 1.34
CA GLU A 217 17.30 33.00 0.62
C GLU A 217 17.19 32.90 -0.91
N GLY A 231 14.56 37.60 -1.47
CA GLY A 231 13.49 36.64 -1.27
C GLY A 231 13.91 35.65 -0.21
N LYS A 232 13.10 35.52 0.85
CA LYS A 232 13.49 34.74 2.01
C LYS A 232 12.45 33.64 2.17
N PHE A 233 12.80 32.40 1.83
CA PHE A 233 11.80 31.35 1.75
C PHE A 233 12.05 30.27 2.82
N ALA A 234 11.10 29.35 2.90
CA ALA A 234 11.13 28.28 3.87
C ALA A 234 11.13 26.90 3.21
N THR A 235 11.93 26.00 3.75
CA THR A 235 11.98 24.63 3.28
C THR A 235 10.64 23.90 3.54
N ASP A 236 10.11 23.28 2.50
CA ASP A 236 8.90 22.47 2.60
C ASP A 236 9.17 21.24 3.48
N PRO A 237 8.41 21.02 4.54
CA PRO A 237 8.78 19.93 5.46
C PRO A 237 8.66 18.53 4.86
N ALA A 238 7.88 18.34 3.80
CA ALA A 238 7.87 17.03 3.14
C ALA A 238 9.25 16.70 2.60
N VAL A 239 9.94 17.70 2.04
CA VAL A 239 11.32 17.51 1.59
C VAL A 239 12.21 17.07 2.73
N THR A 240 12.06 17.68 3.89
CA THR A 240 12.96 17.37 5.00
C THR A 240 12.68 15.98 5.53
N LEU A 241 11.42 15.63 5.72
CA LEU A 241 11.10 14.24 6.08
C LEU A 241 11.63 13.28 5.04
N ALA A 242 11.48 13.64 3.75
CA ALA A 242 11.96 12.75 2.69
C ALA A 242 13.46 12.57 2.76
N HIS A 243 14.17 13.64 3.15
CA HIS A 243 15.61 13.55 3.38
C HIS A 243 15.92 12.45 4.38
N GLU A 244 15.28 12.50 5.55
CA GLU A 244 15.62 11.56 6.61
C GLU A 244 15.22 10.15 6.25
N LEU A 245 14.13 9.99 5.49
CA LEU A 245 13.74 8.68 5.02
C LEU A 245 14.81 8.10 4.09
N ILE A 246 15.44 8.95 3.28
CA ILE A 246 16.49 8.47 2.40
C ILE A 246 17.64 7.90 3.22
N HIS A 247 18.02 8.60 4.29
CA HIS A 247 18.97 7.98 5.21
C HIS A 247 18.42 6.66 5.74
N ALA A 248 17.14 6.64 6.11
CA ALA A 248 16.56 5.41 6.63
C ALA A 248 16.69 4.27 5.63
N GLY A 249 16.45 4.55 4.34
CA GLY A 249 16.64 3.52 3.33
C GLY A 249 18.06 2.99 3.31
N HIS A 250 19.03 3.90 3.16
CA HIS A 250 20.44 3.49 3.14
C HIS A 250 20.72 2.59 4.34
N ARG A 251 20.29 3.05 5.51
CA ARG A 251 20.67 2.41 6.76
C ARG A 251 19.94 1.08 6.94
N LEU A 252 18.69 1.00 6.46
CA LEU A 252 17.94 -0.25 6.51
C LEU A 252 18.55 -1.34 5.62
N TYR A 253 19.17 -1.00 4.50
CA TYR A 253 19.83 -2.04 3.73
C TYR A 253 21.31 -2.16 4.07
N GLY A 254 21.74 -1.50 5.14
CA GLY A 254 23.12 -1.62 5.56
C GLY A 254 24.10 -1.22 4.49
N ILE A 255 23.78 -0.17 3.73
CA ILE A 255 24.73 0.34 2.73
C ILE A 255 25.06 1.81 2.99
N ALA A 256 25.07 2.22 4.25
CA ALA A 256 25.39 3.60 4.55
C ALA A 256 26.87 3.85 4.38
N ILE A 257 27.22 5.10 4.13
CA ILE A 257 28.61 5.54 4.10
C ILE A 257 29.03 5.89 5.50
N ASN A 258 30.12 5.29 5.96
CA ASN A 258 30.69 5.64 7.24
C ASN A 258 30.69 7.16 7.42
N PRO A 259 30.22 7.67 8.57
CA PRO A 259 30.31 9.13 8.80
C PRO A 259 31.71 9.70 8.91
N ASN A 260 32.76 8.87 8.91
CA ASN A 260 34.09 9.46 8.96
C ASN A 260 34.53 9.94 7.58
N ARG A 261 34.01 9.34 6.51
CA ARG A 261 34.24 9.87 5.17
C ARG A 261 33.50 11.20 5.07
N VAL A 262 34.26 12.31 4.98
CA VAL A 262 33.69 13.65 4.94
C VAL A 262 34.41 14.47 3.86
N PHE A 263 33.89 15.66 3.58
CA PHE A 263 34.77 16.69 2.98
C PHE A 263 35.22 17.65 4.08
N GLU A 277 32.44 20.38 8.27
CA GLU A 277 32.43 19.06 7.64
C GLU A 277 31.07 18.63 7.12
N VAL A 278 31.05 18.25 5.84
CA VAL A 278 29.90 17.60 5.21
C VAL A 278 30.31 16.16 4.93
N SER A 279 29.46 15.20 5.31
CA SER A 279 29.80 13.80 5.10
C SER A 279 29.32 13.35 3.73
N PHE A 280 29.99 12.33 3.19
CA PHE A 280 29.53 11.75 1.92
C PHE A 280 28.07 11.33 2.02
N GLU A 281 27.69 10.71 3.13
CA GLU A 281 26.31 10.25 3.29
C GLU A 281 25.33 11.40 3.10
N GLU A 282 25.67 12.60 3.58
CA GLU A 282 24.79 13.76 3.38
C GLU A 282 24.76 14.17 1.91
N LEU A 283 25.92 14.20 1.26
CA LEU A 283 25.98 14.61 -0.14
C LEU A 283 25.21 13.66 -1.04
N ARG A 284 25.35 12.35 -0.81
CA ARG A 284 24.56 11.35 -1.50
C ARG A 284 23.06 11.59 -1.30
N THR A 285 22.65 11.83 -0.07
CA THR A 285 21.23 11.92 0.23
C THR A 285 20.63 13.16 -0.41
N PHE A 286 21.40 14.25 -0.45
CA PHE A 286 20.93 15.47 -1.13
C PHE A 286 20.80 15.25 -2.64
N GLY A 287 21.78 14.61 -3.25
CA GLY A 287 21.74 14.34 -4.67
C GLY A 287 22.09 15.55 -5.53
N GLY A 288 21.37 15.70 -6.64
CA GLY A 288 21.66 16.79 -7.55
C GLY A 288 23.14 16.81 -7.85
N HIS A 289 23.69 18.03 -8.00
CA HIS A 289 25.10 18.13 -8.32
C HIS A 289 25.99 17.95 -7.09
N ASP A 290 25.44 18.06 -5.88
CA ASP A 290 26.25 17.77 -4.69
C ASP A 290 26.81 16.36 -4.71
N ALA A 291 26.03 15.40 -5.20
CA ALA A 291 26.48 14.01 -5.22
C ALA A 291 27.64 13.77 -6.18
N LYS A 292 27.76 14.56 -7.26
CA LYS A 292 28.87 14.36 -8.18
C LYS A 292 30.21 14.48 -7.46
N PHE A 293 30.28 15.28 -6.40
CA PHE A 293 31.54 15.57 -5.74
C PHE A 293 32.05 14.39 -4.92
N ILE A 294 31.18 13.43 -4.58
CA ILE A 294 31.64 12.16 -4.01
C ILE A 294 32.80 11.66 -4.86
N ASP A 295 33.76 11.01 -4.21
CA ASP A 295 34.97 10.60 -4.87
C ASP A 295 34.72 9.54 -5.95
N SER A 296 34.47 10.01 -7.17
CA SER A 296 34.90 9.32 -8.37
C SER A 296 34.61 7.82 -8.36
N LEU A 297 35.66 7.05 -8.09
CA LEU A 297 35.68 5.60 -8.15
C LEU A 297 35.51 4.99 -6.78
N GLN A 298 35.59 5.80 -5.73
CA GLN A 298 35.43 5.28 -4.39
C GLN A 298 33.96 4.96 -4.15
N GLU A 299 33.07 5.64 -4.86
CA GLU A 299 31.70 5.18 -4.94
C GLU A 299 31.63 3.83 -5.64
N ASN A 300 32.46 3.63 -6.66
CA ASN A 300 32.50 2.33 -7.29
C ASN A 300 33.15 1.29 -6.37
N GLU A 301 34.04 1.71 -5.47
CA GLU A 301 34.42 0.86 -4.35
C GLU A 301 33.22 0.54 -3.48
N PHE A 302 32.41 1.54 -3.15
CA PHE A 302 31.29 1.35 -2.25
C PHE A 302 30.36 0.26 -2.77
N ARG A 303 30.09 0.26 -4.07
CA ARG A 303 29.23 -0.77 -4.64
C ARG A 303 29.83 -2.16 -4.42
N LEU A 304 31.07 -2.35 -4.86
CA LEU A 304 31.70 -3.66 -4.71
C LEU A 304 31.69 -4.11 -3.26
N TYR A 305 32.02 -3.21 -2.34
CA TYR A 305 32.01 -3.56 -0.92
C TYR A 305 30.67 -4.12 -0.51
N TYR A 306 29.60 -3.40 -0.81
CA TYR A 306 28.29 -3.83 -0.35
C TYR A 306 27.70 -4.92 -1.22
N TYR A 307 28.10 -5.02 -2.49
CA TYR A 307 27.77 -6.22 -3.25
C TYR A 307 28.31 -7.45 -2.56
N ASN A 308 29.54 -7.38 -2.06
CA ASN A 308 30.10 -8.49 -1.31
C ASN A 308 29.37 -8.69 0.00
N LYS A 309 29.08 -7.59 0.71
CA LYS A 309 28.28 -7.72 1.93
C LYS A 309 26.95 -8.41 1.66
N PHE A 310 26.35 -8.19 0.49
CA PHE A 310 25.13 -8.92 0.19
C PHE A 310 25.40 -10.39 -0.12
N LYS A 311 26.58 -10.72 -0.62
CA LYS A 311 26.86 -12.12 -0.83
C LYS A 311 27.17 -12.82 0.50
N ASP A 312 27.73 -12.09 1.46
CA ASP A 312 27.90 -12.67 2.79
C ASP A 312 26.53 -12.97 3.41
N ILE A 313 25.56 -12.10 3.20
CA ILE A 313 24.22 -12.38 3.72
C ILE A 313 23.63 -13.60 3.03
N ALA A 314 23.78 -13.69 1.69
CA ALA A 314 23.22 -14.83 0.97
C ALA A 314 23.85 -16.14 1.44
N SER A 315 25.16 -16.14 1.67
CA SER A 315 25.83 -17.33 2.18
C SER A 315 25.31 -17.68 3.57
N THR A 316 24.96 -16.67 4.36
CA THR A 316 24.44 -16.95 5.70
C THR A 316 23.08 -17.61 5.63
N LEU A 317 22.20 -17.11 4.75
CA LEU A 317 20.87 -17.69 4.61
C LEU A 317 20.94 -19.15 4.15
N ASN A 318 21.91 -19.47 3.30
CA ASN A 318 22.04 -20.85 2.84
C ASN A 318 22.44 -21.77 3.99
N LYS A 319 23.42 -21.34 4.80
CA LYS A 319 23.87 -22.14 5.93
C LYS A 319 22.81 -22.28 7.02
N ALA A 320 21.78 -21.43 7.01
CA ALA A 320 20.78 -21.49 8.06
C ALA A 320 20.11 -22.84 8.07
N LYS A 321 20.19 -23.54 9.21
CA LYS A 321 19.50 -24.80 9.40
C LYS A 321 18.51 -24.77 10.56
N SER A 322 18.54 -23.73 11.39
CA SER A 322 17.61 -23.62 12.51
C SER A 322 17.28 -22.16 12.74
N ILE A 323 16.18 -21.95 13.46
CA ILE A 323 15.68 -20.62 13.78
C ILE A 323 15.12 -20.66 15.20
N VAL A 324 15.16 -19.53 15.90
CA VAL A 324 14.67 -19.49 17.27
C VAL A 324 13.66 -18.37 17.50
N THR A 327 8.85 -18.96 16.24
CA THR A 327 7.95 -19.43 15.20
C THR A 327 8.19 -18.64 13.92
N ALA A 328 7.74 -19.23 12.81
CA ALA A 328 7.99 -18.81 11.43
C ALA A 328 9.04 -19.74 10.84
N SER A 329 8.68 -20.50 9.82
CA SER A 329 9.60 -21.51 9.32
C SER A 329 10.92 -20.87 8.96
N LEU A 330 12.00 -21.63 9.13
CA LEU A 330 13.26 -21.21 8.54
C LEU A 330 13.06 -20.86 7.07
N GLN A 331 12.18 -21.62 6.41
CA GLN A 331 11.80 -21.29 5.04
C GLN A 331 11.26 -19.87 4.95
N TYR A 332 10.32 -19.53 5.83
CA TYR A 332 9.64 -18.24 5.71
C TYR A 332 10.60 -17.06 5.88
N MET A 333 11.50 -17.11 6.87
CA MET A 333 12.41 -15.98 7.05
C MET A 333 13.45 -15.92 5.95
N LYS A 334 13.88 -17.06 5.42
CA LYS A 334 14.79 -17.02 4.29
C LYS A 334 14.14 -16.30 3.11
N ASN A 335 12.86 -16.58 2.85
CA ASN A 335 12.14 -15.86 1.80
C ASN A 335 12.05 -14.38 2.10
N VAL A 336 11.70 -14.02 3.34
CA VAL A 336 11.64 -12.59 3.69
C VAL A 336 12.85 -11.86 3.16
N PHE A 337 14.04 -12.38 3.44
CA PHE A 337 15.25 -11.68 3.01
C PHE A 337 15.61 -11.98 1.56
N LYS A 338 15.13 -13.08 0.98
CA LYS A 338 15.14 -13.18 -0.47
C LYS A 338 14.43 -11.99 -1.11
N GLU A 339 13.23 -11.67 -0.63
CA GLU A 339 12.49 -10.56 -1.18
C GLU A 339 13.22 -9.24 -0.94
N LYS A 340 13.68 -9.03 0.29
CA LYS A 340 14.36 -7.78 0.66
C LYS A 340 15.50 -7.44 -0.28
N TYR A 341 16.45 -8.38 -0.42
CA TYR A 341 17.70 -8.14 -1.12
C TYR A 341 17.63 -8.52 -2.59
N LEU A 342 16.48 -8.99 -3.06
CA LEU A 342 16.34 -9.44 -4.44
C LEU A 342 17.29 -10.60 -4.73
N LEU A 343 17.35 -11.55 -3.81
CA LEU A 343 18.21 -12.70 -4.00
C LEU A 343 17.62 -13.65 -5.03
N SER A 344 18.49 -14.23 -5.85
CA SER A 344 18.05 -15.30 -6.74
C SER A 344 18.03 -16.63 -6.00
N GLU A 345 17.14 -17.52 -6.43
CA GLU A 345 17.09 -18.88 -5.93
C GLU A 345 17.11 -19.84 -7.11
N ASP A 346 17.92 -20.88 -7.01
CA ASP A 346 17.98 -21.86 -8.07
C ASP A 346 17.02 -23.01 -7.75
N THR A 347 16.89 -23.94 -8.69
CA THR A 347 16.03 -25.11 -8.47
C THR A 347 16.41 -25.84 -7.19
N SER A 348 17.66 -25.69 -6.76
CA SER A 348 18.18 -26.40 -5.59
C SER A 348 17.88 -25.67 -4.29
N GLY A 349 17.54 -24.39 -4.35
CA GLY A 349 17.26 -23.62 -3.15
C GLY A 349 18.42 -22.80 -2.64
N LYS A 350 19.53 -22.74 -3.38
CA LYS A 350 20.67 -21.92 -2.99
C LYS A 350 20.42 -20.47 -3.36
N PHE A 351 20.75 -19.56 -2.43
CA PHE A 351 20.63 -18.13 -2.67
C PHE A 351 21.94 -17.56 -3.20
N SER A 352 21.82 -16.57 -4.08
CA SER A 352 22.97 -15.81 -4.54
C SER A 352 22.51 -14.41 -4.93
N VAL A 353 23.48 -13.52 -5.14
CA VAL A 353 23.19 -12.15 -5.53
C VAL A 353 23.44 -12.04 -7.02
N ASP A 354 22.39 -11.69 -7.75
CA ASP A 354 22.53 -11.27 -9.14
C ASP A 354 23.15 -9.88 -9.20
N LYS A 355 24.24 -9.76 -9.96
CA LYS A 355 24.91 -8.47 -10.08
C LYS A 355 23.96 -7.37 -10.56
N LEU A 356 23.07 -7.69 -11.51
CA LEU A 356 22.23 -6.65 -12.10
C LEU A 356 21.13 -6.21 -11.17
N LYS A 357 20.52 -7.14 -10.43
CA LYS A 357 19.50 -6.70 -9.50
C LYS A 357 20.13 -5.98 -8.32
N PHE A 358 21.31 -6.42 -7.88
CA PHE A 358 22.04 -5.61 -6.91
C PHE A 358 22.21 -4.19 -7.43
N ASP A 359 22.76 -4.04 -8.64
CA ASP A 359 23.00 -2.70 -9.16
C ASP A 359 21.73 -1.89 -9.18
N LYS A 360 20.63 -2.49 -9.65
CA LYS A 360 19.40 -1.72 -9.74
C LYS A 360 18.89 -1.33 -8.35
N LEU A 361 19.00 -2.25 -7.37
CA LEU A 361 18.60 -1.92 -6.02
C LEU A 361 19.53 -0.90 -5.39
N TYR A 362 20.84 -1.04 -5.59
CA TYR A 362 21.71 -0.08 -4.93
C TYR A 362 21.74 1.24 -5.67
N LYS A 363 21.47 1.25 -6.98
CA LYS A 363 21.26 2.51 -7.66
C LYS A 363 19.97 3.19 -7.21
N MET A 364 18.93 2.41 -6.94
CA MET A 364 17.65 3.00 -6.54
C MET A 364 17.80 3.72 -5.20
N LEU A 365 18.43 3.07 -4.24
CA LEU A 365 18.54 3.62 -2.90
C LEU A 365 19.51 4.79 -2.80
N THR A 366 20.56 4.81 -3.62
CA THR A 366 21.64 5.78 -3.41
C THR A 366 21.59 6.97 -4.36
N GLU A 367 21.06 6.80 -5.56
CA GLU A 367 21.08 7.84 -6.57
C GLU A 367 19.70 8.33 -6.97
N ILE A 368 18.69 7.48 -6.93
CA ILE A 368 17.36 7.89 -7.34
C ILE A 368 16.64 8.55 -6.17
N TYR A 369 16.69 7.91 -5.00
CA TYR A 369 16.08 8.41 -3.78
C TYR A 369 16.97 9.52 -3.20
N THR A 370 16.75 10.73 -3.67
CA THR A 370 17.54 11.86 -3.23
C THR A 370 16.60 13.00 -2.85
N GLU A 371 17.13 13.93 -2.07
CA GLU A 371 16.35 15.12 -1.74
C GLU A 371 16.04 15.89 -3.02
N ASP A 372 17.03 16.00 -3.91
CA ASP A 372 16.89 16.82 -5.12
C ASP A 372 15.79 16.27 -6.03
N ASN A 373 15.71 14.95 -6.16
CA ASN A 373 14.65 14.38 -6.98
C ASN A 373 13.28 14.63 -6.34
N PHE A 374 13.18 14.56 -5.01
CA PHE A 374 11.91 14.94 -4.38
C PHE A 374 11.54 16.39 -4.65
N VAL A 375 12.50 17.32 -4.48
CA VAL A 375 12.25 18.71 -4.88
C VAL A 375 11.61 18.73 -6.25
N LYS A 376 12.16 17.96 -7.18
CA LYS A 376 11.63 17.96 -8.54
C LYS A 376 10.21 17.39 -8.61
N PHE A 377 9.92 16.26 -7.95
CA PHE A 377 8.55 15.77 -8.04
C PHE A 377 7.57 16.69 -7.32
N PHE A 378 7.99 17.25 -6.19
CA PHE A 378 7.15 18.19 -5.44
C PHE A 378 7.03 19.53 -6.13
N LYS A 379 7.93 19.86 -7.05
CA LYS A 379 7.91 21.16 -7.70
C LYS A 379 7.79 22.28 -6.66
N VAL A 380 8.72 22.24 -5.73
CA VAL A 380 8.86 23.28 -4.72
C VAL A 380 10.23 23.93 -4.90
N LEU A 381 10.43 25.02 -4.17
CA LEU A 381 11.72 25.70 -4.13
C LEU A 381 12.52 25.13 -2.96
N ASN A 382 13.80 24.83 -3.21
CA ASN A 382 14.65 24.24 -2.20
C ASN A 382 16.00 24.91 -2.33
N ARG A 383 16.78 24.92 -1.25
CA ARG A 383 18.14 25.38 -1.37
C ARG A 383 18.88 24.49 -2.38
N LYS A 384 19.86 25.07 -3.07
CA LYS A 384 20.45 24.40 -4.23
C LYS A 384 21.66 23.54 -3.90
N THR A 385 22.19 23.63 -2.69
CA THR A 385 23.26 22.77 -2.25
C THR A 385 23.07 22.52 -0.75
N TYR A 386 23.66 21.43 -0.26
CA TYR A 386 23.42 21.03 1.12
C TYR A 386 23.76 22.13 2.13
N LEU A 387 24.50 23.16 1.75
CA LEU A 387 24.96 24.12 2.72
C LEU A 387 24.15 25.42 2.74
N ASN A 388 23.44 25.76 1.66
CA ASN A 388 22.83 27.08 1.56
C ASN A 388 21.63 27.27 2.49
N PHE A 389 21.61 26.60 3.63
CA PHE A 389 20.64 26.89 4.67
C PHE A 389 21.09 28.14 5.43
N ASP A 390 20.32 29.22 5.33
CA ASP A 390 20.56 30.34 6.21
C ASP A 390 19.87 30.09 7.54
N LYS A 391 20.23 30.87 8.54
CA LYS A 391 19.73 30.61 9.90
C LYS A 391 18.44 31.37 10.16
N ALA A 392 17.38 30.87 9.54
CA ALA A 392 16.03 31.29 9.84
C ALA A 392 15.24 30.04 10.20
N VAL A 393 14.67 30.02 11.40
CA VAL A 393 13.81 28.94 11.86
C VAL A 393 12.41 29.51 12.05
N PHE A 394 11.42 28.80 11.53
CA PHE A 394 10.04 29.25 11.51
C PHE A 394 9.14 28.21 12.15
N LYS A 395 8.21 28.67 12.97
CA LYS A 395 7.10 27.85 13.41
C LYS A 395 6.06 27.84 12.31
N ILE A 396 5.47 26.67 12.06
CA ILE A 396 4.49 26.49 11.02
C ILE A 396 3.39 25.59 11.55
N ASN A 397 2.29 25.53 10.79
CA ASN A 397 1.21 24.59 11.06
C ASN A 397 0.68 24.10 9.71
N ILE A 398 1.09 22.90 9.33
CA ILE A 398 0.76 22.32 8.02
C ILE A 398 -0.55 21.55 8.04
N VAL A 399 -1.08 21.26 9.21
CA VAL A 399 -2.26 20.41 9.37
C VAL A 399 -3.50 21.08 8.79
N PRO A 400 -3.74 22.36 9.04
CA PRO A 400 -4.86 23.02 8.36
C PRO A 400 -4.70 22.99 6.85
N LYS A 401 -5.64 22.30 6.20
CA LYS A 401 -5.75 22.33 4.75
C LYS A 401 -5.69 23.74 4.16
N VAL A 402 -6.13 24.76 4.91
CA VAL A 402 -6.03 26.12 4.39
C VAL A 402 -4.59 26.56 4.33
N ASN A 403 -3.71 25.89 5.07
CA ASN A 403 -2.30 26.28 5.13
C ASN A 403 -1.44 25.47 4.20
N TYR A 404 -1.72 24.18 4.06
CA TYR A 404 -0.84 23.38 3.23
C TYR A 404 -1.47 22.03 2.95
N THR A 405 -1.37 21.63 1.69
CA THR A 405 -2.08 20.49 1.17
C THR A 405 -1.10 19.39 0.79
N ILE A 406 -1.65 18.18 0.75
CA ILE A 406 -0.90 17.01 0.33
C ILE A 406 -0.30 17.20 -1.06
N TYR A 407 -1.04 17.78 -1.99
CA TYR A 407 -0.51 17.88 -3.34
C TYR A 407 0.34 19.12 -3.58
N ASP A 408 0.03 20.26 -2.95
CA ASP A 408 0.70 21.51 -3.27
C ASP A 408 1.61 22.02 -2.17
N GLY A 409 1.69 21.35 -1.03
CA GLY A 409 2.46 21.91 0.05
C GLY A 409 1.85 23.26 0.41
N PHE A 410 2.72 24.28 0.51
CA PHE A 410 2.23 25.63 0.82
C PHE A 410 1.72 26.37 -0.41
N ASN A 411 2.11 25.93 -1.61
CA ASN A 411 1.94 26.72 -2.81
C ASN A 411 0.56 26.41 -3.41
N LEU A 412 -0.46 26.94 -2.75
CA LEU A 412 -1.83 26.47 -2.94
C LEU A 412 -2.35 26.84 -4.33
N ARG A 413 -2.77 25.82 -5.07
CA ARG A 413 -3.18 26.03 -6.45
C ARG A 413 -4.33 27.03 -6.54
N ASN A 414 -4.39 27.72 -7.67
CA ASN A 414 -5.46 28.68 -7.94
C ASN A 414 -5.63 29.68 -6.81
N THR A 415 -4.50 30.09 -6.23
CA THR A 415 -4.51 31.16 -5.25
C THR A 415 -3.34 32.09 -5.53
N ASN A 416 -3.21 33.12 -4.70
CA ASN A 416 -2.02 33.93 -4.71
C ASN A 416 -0.77 33.05 -4.69
N LEU A 417 -0.79 31.99 -3.89
CA LEU A 417 0.43 31.33 -3.49
C LEU A 417 0.95 30.34 -4.52
N ALA A 418 0.25 30.15 -5.64
CA ALA A 418 0.60 29.09 -6.58
C ALA A 418 1.70 29.49 -7.55
N ALA A 419 1.94 30.78 -7.73
CA ALA A 419 2.92 31.27 -8.68
C ALA A 419 4.19 31.72 -7.97
N ASN A 420 5.34 31.44 -8.59
CA ASN A 420 6.64 31.89 -8.12
C ASN A 420 6.94 31.42 -6.70
N PHE A 421 6.33 30.32 -6.26
CA PHE A 421 6.60 29.73 -4.95
C PHE A 421 6.20 30.68 -3.81
N ASN A 422 5.14 31.47 -4.03
CA ASN A 422 4.74 32.45 -3.04
C ASN A 422 4.44 31.78 -1.69
N GLY A 423 3.73 30.65 -1.71
CA GLY A 423 3.35 29.98 -0.47
C GLY A 423 4.54 29.71 0.43
N GLN A 424 5.73 29.58 -0.16
CA GLN A 424 6.98 29.36 0.54
C GLN A 424 7.75 30.64 0.84
N ASN A 425 7.28 31.78 0.33
CA ASN A 425 7.89 33.07 0.60
C ASN A 425 7.44 33.55 1.98
N THR A 426 8.36 33.57 2.94
CA THR A 426 8.01 33.82 4.34
C THR A 426 7.47 35.23 4.54
N GLU A 427 7.58 36.11 3.55
CA GLU A 427 7.05 37.45 3.71
C GLU A 427 5.72 37.60 3.00
N ILE A 428 5.60 37.10 1.77
CA ILE A 428 4.30 37.10 1.10
C ILE A 428 3.31 36.28 1.91
N ASN A 429 3.64 35.00 2.14
CA ASN A 429 2.80 34.13 2.95
C ASN A 429 3.20 34.15 4.42
N ASN A 430 3.52 35.33 4.98
CA ASN A 430 3.95 35.39 6.38
C ASN A 430 2.91 34.81 7.31
N MET A 431 1.63 34.81 6.89
CA MET A 431 0.59 34.11 7.63
C MET A 431 1.01 32.69 8.06
N ASN A 432 1.73 31.97 7.21
CA ASN A 432 2.07 30.58 7.49
C ASN A 432 3.40 30.38 8.20
N PHE A 433 4.14 31.44 8.48
CA PHE A 433 5.52 31.29 8.94
C PHE A 433 5.79 32.33 10.02
N THR A 434 6.11 31.85 11.22
CA THR A 434 6.46 32.72 12.34
C THR A 434 7.94 32.57 12.60
N LYS A 435 8.67 33.67 12.45
CA LYS A 435 10.11 33.65 12.61
C LYS A 435 10.45 33.59 14.09
N LEU A 436 11.56 32.93 14.41
CA LEU A 436 11.95 32.68 15.80
C LEU A 436 13.21 33.45 16.18
N SER B 11 11.07 -13.31 -18.47
CA SER B 11 11.18 -12.24 -17.43
C SER B 11 9.88 -11.46 -17.31
N SER B 12 9.34 -11.44 -16.09
CA SER B 12 7.99 -10.99 -15.83
C SER B 12 7.81 -9.47 -15.92
N GLY B 13 8.83 -8.70 -15.53
CA GLY B 13 8.66 -7.27 -15.42
C GLY B 13 7.66 -6.85 -14.36
N LEU B 14 7.73 -7.46 -13.18
CA LEU B 14 6.78 -7.16 -12.11
C LEU B 14 7.11 -5.87 -11.39
N VAL B 15 8.34 -5.38 -11.48
CA VAL B 15 8.78 -4.21 -10.72
C VAL B 15 9.39 -3.22 -11.69
N PRO B 16 8.60 -2.62 -12.58
CA PRO B 16 9.19 -1.74 -13.59
C PRO B 16 9.87 -0.52 -12.99
N ARG B 17 9.49 -0.12 -11.76
CA ARG B 17 10.05 1.08 -11.15
C ARG B 17 10.16 0.88 -9.66
N GLY B 18 11.32 1.24 -9.11
CA GLY B 18 11.61 0.98 -7.73
C GLY B 18 12.32 -0.34 -7.55
N SER B 19 12.40 -0.73 -6.28
CA SER B 19 13.04 -1.99 -5.91
C SER B 19 12.06 -3.15 -5.73
N HIS B 20 10.82 -2.88 -5.33
CA HIS B 20 9.84 -3.91 -5.02
C HIS B 20 8.49 -3.47 -5.55
N MET B 21 7.60 -4.45 -5.71
CA MET B 21 6.21 -4.18 -6.05
C MET B 21 5.54 -3.38 -4.94
N GLN B 22 4.52 -2.61 -5.33
CA GLN B 22 3.97 -1.58 -4.45
C GLN B 22 2.62 -1.96 -3.85
N PHE B 23 2.02 -3.07 -4.26
CA PHE B 23 0.77 -3.52 -3.66
C PHE B 23 0.91 -4.97 -3.22
N VAL B 24 1.31 -5.83 -4.15
CA VAL B 24 1.51 -7.25 -3.87
C VAL B 24 2.76 -7.44 -3.03
N ASN B 25 2.65 -8.24 -1.97
CA ASN B 25 3.70 -8.31 -0.95
C ASN B 25 4.93 -9.10 -1.41
N LYS B 26 4.78 -10.03 -2.35
CA LYS B 26 5.88 -10.92 -2.68
C LYS B 26 5.73 -11.48 -4.08
N GLN B 27 6.86 -11.68 -4.73
CA GLN B 27 6.87 -12.36 -6.03
C GLN B 27 6.77 -13.86 -5.73
N PHE B 28 5.55 -14.37 -5.70
CA PHE B 28 5.33 -15.77 -5.33
C PHE B 28 5.58 -16.70 -6.49
N ASN B 29 6.20 -17.83 -6.17
CA ASN B 29 6.26 -18.98 -7.06
C ASN B 29 5.28 -20.04 -6.55
N TYR B 30 4.50 -20.62 -7.46
CA TYR B 30 3.48 -21.56 -7.01
C TYR B 30 4.07 -22.68 -6.17
N LYS B 31 5.29 -23.09 -6.45
CA LYS B 31 5.88 -24.16 -5.66
C LYS B 31 6.50 -23.67 -4.35
N ASP B 32 6.57 -22.36 -4.12
CA ASP B 32 7.06 -21.86 -2.84
C ASP B 32 6.42 -22.66 -1.70
N PRO B 33 7.18 -23.08 -0.69
CA PRO B 33 6.60 -23.95 0.34
C PRO B 33 5.54 -23.23 1.17
N VAL B 34 4.55 -24.01 1.59
CA VAL B 34 3.57 -23.56 2.56
C VAL B 34 4.29 -22.91 3.76
N ASN B 35 3.69 -21.86 4.34
CA ASN B 35 4.26 -21.28 5.55
C ASN B 35 3.23 -20.79 6.55
N GLY B 36 1.92 -20.99 6.32
CA GLY B 36 0.92 -20.62 7.29
C GLY B 36 0.75 -19.13 7.56
N VAL B 37 1.40 -18.26 6.78
CA VAL B 37 1.32 -16.82 6.99
C VAL B 37 0.79 -16.14 5.72
N ASP B 38 1.56 -16.24 4.63
CA ASP B 38 1.11 -15.77 3.33
C ASP B 38 1.18 -16.86 2.26
N ILE B 39 1.50 -18.11 2.63
CA ILE B 39 1.32 -19.26 1.74
C ILE B 39 0.75 -20.40 2.58
N ALA B 40 -0.51 -20.76 2.33
CA ALA B 40 -1.16 -21.81 3.11
C ALA B 40 -2.21 -22.55 2.28
N TYR B 41 -2.38 -23.83 2.59
CA TYR B 41 -3.61 -24.52 2.20
C TYR B 41 -4.75 -23.98 3.05
N ILE B 42 -5.89 -23.73 2.42
CA ILE B 42 -7.01 -23.08 3.10
C ILE B 42 -8.32 -23.75 2.71
N LYS B 43 -9.33 -23.53 3.53
CA LYS B 43 -10.69 -24.01 3.28
C LYS B 43 -11.67 -22.87 3.47
N ILE B 44 -12.80 -22.94 2.78
CA ILE B 44 -13.83 -21.90 2.87
C ILE B 44 -14.95 -22.42 3.75
N PRO B 45 -15.21 -21.81 4.91
CA PRO B 45 -16.25 -22.41 5.75
C PRO B 45 -17.61 -22.47 5.06
N GLN B 49 -17.56 -31.46 2.41
CA GLN B 49 -17.11 -30.10 2.14
C GLN B 49 -15.70 -30.23 1.54
N MET B 50 -14.95 -29.14 1.51
CA MET B 50 -13.82 -28.99 0.62
C MET B 50 -12.63 -29.85 1.07
N GLN B 51 -11.61 -29.89 0.21
CA GLN B 51 -10.28 -30.33 0.59
C GLN B 51 -9.28 -29.18 0.38
N PRO B 52 -8.34 -28.98 1.31
CA PRO B 52 -7.58 -27.72 1.32
C PRO B 52 -7.00 -27.40 -0.04
N VAL B 53 -6.88 -26.10 -0.33
CA VAL B 53 -6.29 -25.64 -1.57
C VAL B 53 -5.20 -24.64 -1.24
N LYS B 54 -4.07 -24.76 -1.93
CA LYS B 54 -2.95 -23.87 -1.73
C LYS B 54 -3.30 -22.47 -2.23
N ALA B 55 -3.19 -21.48 -1.33
CA ALA B 55 -3.56 -20.10 -1.60
C ALA B 55 -2.40 -19.18 -1.24
N PHE B 56 -2.40 -17.97 -1.82
CA PHE B 56 -1.31 -17.04 -1.57
C PHE B 56 -1.88 -15.67 -1.21
N LYS B 57 -1.25 -15.02 -0.24
CA LYS B 57 -1.75 -13.77 0.34
C LYS B 57 -1.00 -12.62 -0.31
N ILE B 58 -1.63 -11.99 -1.30
CA ILE B 58 -0.91 -10.99 -2.08
C ILE B 58 -0.91 -9.63 -1.38
N HIS B 59 -1.91 -9.37 -0.53
CA HIS B 59 -2.00 -8.13 0.24
C HIS B 59 -2.75 -8.46 1.51
N ASN B 60 -2.60 -7.61 2.51
CA ASN B 60 -3.45 -7.73 3.69
C ASN B 60 -4.91 -7.71 3.27
N LYS B 61 -5.61 -8.75 3.70
CA LYS B 61 -7.00 -9.01 3.42
C LYS B 61 -7.28 -9.51 2.01
N ILE B 62 -6.27 -9.87 1.23
CA ILE B 62 -6.50 -10.33 -0.15
C ILE B 62 -5.67 -11.57 -0.42
N TRP B 63 -6.35 -12.65 -0.82
CA TRP B 63 -5.76 -13.94 -1.13
C TRP B 63 -6.08 -14.32 -2.58
N VAL B 64 -5.21 -15.11 -3.21
CA VAL B 64 -5.46 -15.63 -4.56
C VAL B 64 -5.49 -17.16 -4.50
N ILE B 65 -6.50 -17.76 -5.14
CA ILE B 65 -6.56 -19.22 -5.20
C ILE B 65 -6.38 -19.68 -6.64
N PRO B 66 -5.19 -20.19 -7.02
CA PRO B 66 -4.98 -20.63 -8.40
C PRO B 66 -5.63 -21.96 -8.72
N GLU B 67 -6.91 -22.08 -8.39
CA GLU B 67 -7.67 -23.26 -8.72
C GLU B 67 -8.89 -22.83 -9.52
N ARG B 68 -9.43 -23.79 -10.27
CA ARG B 68 -10.77 -23.62 -10.80
C ARG B 68 -11.75 -23.62 -9.62
N ASP B 69 -12.76 -22.77 -9.70
CA ASP B 69 -13.74 -22.67 -8.61
C ASP B 69 -14.72 -23.82 -8.71
N THR B 70 -14.47 -24.90 -7.97
CA THR B 70 -15.49 -25.91 -7.71
C THR B 70 -15.88 -25.90 -6.23
N PHE B 71 -15.94 -24.70 -5.65
CA PHE B 71 -16.18 -24.56 -4.21
C PHE B 71 -17.36 -23.64 -3.93
N THR B 72 -17.31 -22.46 -4.53
CA THR B 72 -18.22 -21.38 -4.16
C THR B 72 -19.69 -21.78 -4.28
N ASN B 73 -20.02 -22.67 -5.21
CA ASN B 73 -21.41 -23.02 -5.43
C ASN B 73 -21.53 -24.55 -5.42
N PRO B 74 -22.36 -25.13 -4.55
CA PRO B 74 -22.52 -26.59 -4.56
C PRO B 74 -23.15 -27.11 -5.85
N GLU B 75 -24.04 -26.35 -6.49
CA GLU B 75 -24.66 -26.79 -7.74
C GLU B 75 -23.67 -26.71 -8.90
N GLU B 76 -22.37 -26.67 -8.61
CA GLU B 76 -21.43 -26.21 -9.62
C GLU B 76 -20.02 -26.71 -9.29
N GLY B 77 -19.93 -27.98 -8.90
CA GLY B 77 -18.68 -28.57 -8.44
C GLY B 77 -17.93 -29.39 -9.48
N ASP B 78 -18.35 -29.38 -10.73
CA ASP B 78 -17.62 -30.06 -11.80
C ASP B 78 -17.33 -29.07 -12.92
N LEU B 79 -16.31 -29.41 -13.72
CA LEU B 79 -15.86 -28.55 -14.82
C LEU B 79 -16.38 -29.04 -16.17
N ASN B 80 -17.40 -29.87 -16.15
CA ASN B 80 -17.98 -30.34 -17.39
C ASN B 80 -19.12 -29.44 -17.83
N PRO B 81 -19.38 -29.34 -19.12
CA PRO B 81 -20.45 -28.47 -19.61
C PRO B 81 -21.81 -29.12 -19.43
N PRO B 82 -22.84 -28.34 -19.05
CA PRO B 82 -24.22 -28.87 -19.00
C PRO B 82 -24.85 -29.04 -20.38
N VAL B 90 -22.18 -17.04 -25.53
CA VAL B 90 -20.77 -17.32 -25.78
C VAL B 90 -20.09 -17.87 -24.53
N SER B 91 -19.55 -19.08 -24.67
CA SER B 91 -19.01 -19.82 -23.55
C SER B 91 -17.79 -20.61 -24.04
N TYR B 92 -17.00 -21.12 -23.09
CA TYR B 92 -15.82 -21.91 -23.43
C TYR B 92 -15.49 -22.86 -22.27
N TYR B 93 -15.31 -24.15 -22.59
CA TYR B 93 -14.99 -25.10 -21.54
C TYR B 93 -13.68 -25.82 -21.82
N ASP B 94 -12.99 -26.15 -20.74
CA ASP B 94 -11.80 -26.97 -20.80
C ASP B 94 -11.45 -27.44 -19.39
N SER B 95 -11.85 -28.66 -19.07
CA SER B 95 -11.66 -29.19 -17.73
C SER B 95 -10.19 -29.39 -17.37
N THR B 96 -9.27 -29.24 -18.34
CA THR B 96 -7.85 -29.37 -18.03
C THR B 96 -7.19 -28.04 -17.68
N TYR B 97 -7.82 -26.92 -18.02
CA TYR B 97 -7.20 -25.62 -17.78
C TYR B 97 -6.95 -25.41 -16.29
N LEU B 98 -5.76 -24.93 -15.97
CA LEU B 98 -5.38 -24.60 -14.60
C LEU B 98 -5.40 -25.87 -13.74
N SER B 99 -4.77 -26.92 -14.26
CA SER B 99 -4.69 -28.21 -13.56
C SER B 99 -3.26 -28.69 -13.39
N THR B 100 -2.27 -27.85 -13.66
CA THR B 100 -0.86 -28.17 -13.51
C THR B 100 -0.15 -27.08 -12.72
N ASP B 101 1.03 -27.42 -12.19
CA ASP B 101 1.80 -26.46 -11.39
C ASP B 101 2.22 -25.26 -12.22
N ASN B 102 2.57 -25.46 -13.49
CA ASN B 102 3.08 -24.34 -14.26
C ASN B 102 1.96 -23.41 -14.68
N GLU B 103 0.74 -23.93 -14.84
CA GLU B 103 -0.40 -23.07 -15.12
C GLU B 103 -0.77 -22.23 -13.90
N LYS B 104 -0.91 -22.87 -12.75
CA LYS B 104 -1.24 -22.13 -11.53
C LYS B 104 -0.18 -21.08 -11.26
N ASP B 105 1.09 -21.43 -11.46
CA ASP B 105 2.16 -20.45 -11.37
C ASP B 105 1.96 -19.31 -12.37
N ASN B 106 1.71 -19.64 -13.63
CA ASN B 106 1.46 -18.59 -14.63
C ASN B 106 0.26 -17.74 -14.24
N TYR B 107 -0.74 -18.36 -13.65
CA TYR B 107 -1.93 -17.59 -13.31
C TYR B 107 -1.67 -16.71 -12.10
N LEU B 108 -0.93 -17.21 -11.12
CA LEU B 108 -0.58 -16.41 -9.96
C LEU B 108 0.24 -15.17 -10.36
N LYS B 109 1.09 -15.31 -11.38
CA LYS B 109 1.90 -14.21 -11.85
C LYS B 109 1.12 -13.26 -12.73
N GLY B 110 0.18 -13.79 -13.53
CA GLY B 110 -0.71 -12.91 -14.27
C GLY B 110 -1.47 -11.98 -13.35
N VAL B 111 -1.97 -12.51 -12.23
CA VAL B 111 -2.85 -11.74 -11.34
C VAL B 111 -2.04 -10.70 -10.57
N THR B 112 -0.91 -11.13 -10.00
CA THR B 112 0.05 -10.18 -9.42
C THR B 112 0.32 -9.01 -10.36
N LYS B 113 0.62 -9.31 -11.61
CA LYS B 113 1.00 -8.28 -12.55
C LYS B 113 -0.17 -7.33 -12.79
N LEU B 114 -1.39 -7.86 -12.85
CA LEU B 114 -2.53 -6.97 -13.06
C LEU B 114 -2.76 -6.07 -11.84
N PHE B 115 -2.62 -6.60 -10.62
CA PHE B 115 -2.77 -5.73 -9.46
C PHE B 115 -1.77 -4.57 -9.50
N GLU B 116 -0.51 -4.84 -9.87
CA GLU B 116 0.47 -3.76 -9.95
C GLU B 116 0.10 -2.77 -11.04
N ARG B 117 -0.47 -3.24 -12.14
CA ARG B 117 -0.93 -2.32 -13.18
C ARG B 117 -2.09 -1.47 -12.71
N ILE B 118 -3.09 -2.10 -12.08
CA ILE B 118 -4.19 -1.33 -11.50
C ILE B 118 -3.63 -0.33 -10.49
N TYR B 119 -2.71 -0.78 -9.65
CA TYR B 119 -2.19 0.07 -8.59
C TYR B 119 -1.22 1.11 -9.13
N SER B 120 -0.83 1.04 -10.40
CA SER B 120 0.03 2.05 -10.98
C SER B 120 -0.76 3.24 -11.46
N THR B 121 -2.07 3.14 -11.51
CA THR B 121 -2.89 4.29 -11.80
C THR B 121 -3.38 4.90 -10.50
N ASP B 122 -3.54 6.22 -10.50
CA ASP B 122 -4.05 6.88 -9.31
C ASP B 122 -5.41 6.29 -8.92
N LEU B 123 -6.24 5.98 -9.91
CA LEU B 123 -7.59 5.49 -9.60
C LEU B 123 -7.54 4.10 -8.96
N GLY B 124 -6.66 3.23 -9.46
CA GLY B 124 -6.52 1.90 -8.87
C GLY B 124 -5.98 1.91 -7.45
N ARG B 125 -5.12 2.89 -7.13
CA ARG B 125 -4.70 3.07 -5.75
C ARG B 125 -5.87 3.51 -4.86
N MET B 126 -6.69 4.44 -5.35
CA MET B 126 -7.94 4.77 -4.66
C MET B 126 -8.81 3.53 -4.48
N LEU B 127 -9.05 2.78 -5.56
CA LEU B 127 -9.94 1.63 -5.48
C LEU B 127 -9.42 0.60 -4.49
N LEU B 128 -8.19 0.13 -4.69
CA LEU B 128 -7.68 -0.97 -3.88
C LEU B 128 -7.59 -0.58 -2.41
N THR B 129 -7.28 0.68 -2.11
CA THR B 129 -7.30 1.11 -0.72
C THR B 129 -8.72 1.02 -0.14
N SER B 130 -9.69 1.61 -0.82
CA SER B 130 -11.09 1.49 -0.40
C SER B 130 -11.43 0.03 -0.09
N ILE B 131 -11.08 -0.88 -1.01
CA ILE B 131 -11.37 -2.31 -0.86
C ILE B 131 -10.69 -2.87 0.39
N VAL B 132 -9.41 -2.53 0.58
CA VAL B 132 -8.69 -3.12 1.71
C VAL B 132 -9.23 -2.58 3.03
N ARG B 133 -9.61 -1.30 3.05
CA ARG B 133 -10.28 -0.72 4.21
C ARG B 133 -11.65 -1.33 4.46
N GLY B 134 -12.26 -1.97 3.46
CA GLY B 134 -13.68 -2.32 3.46
C GLY B 134 -14.04 -3.62 4.18
N ILE B 135 -13.48 -3.79 5.37
CA ILE B 135 -13.61 -5.01 6.15
C ILE B 135 -15.10 -5.31 6.41
N PRO B 136 -15.58 -6.52 6.15
CA PRO B 136 -16.98 -6.85 6.47
C PRO B 136 -17.29 -6.62 7.95
N PHE B 137 -18.47 -6.06 8.19
CA PHE B 137 -18.88 -5.67 9.53
C PHE B 137 -19.09 -6.92 10.41
N TRP B 138 -18.87 -6.75 11.71
CA TRP B 138 -19.22 -7.80 12.68
C TRP B 138 -20.67 -7.59 13.09
N GLY B 139 -21.57 -8.07 12.25
CA GLY B 139 -22.98 -8.07 12.59
C GLY B 139 -23.46 -9.48 12.83
N GLY B 140 -22.62 -10.32 13.43
CA GLY B 140 -22.92 -11.72 13.59
C GLY B 140 -23.75 -12.07 14.81
N SER B 141 -23.67 -11.27 15.87
CA SER B 141 -24.21 -11.66 17.17
C SER B 141 -25.72 -11.46 17.24
N THR B 142 -26.39 -12.43 17.83
CA THR B 142 -27.82 -12.33 18.09
C THR B 142 -28.16 -11.24 19.10
N ILE B 143 -27.19 -10.79 19.91
CA ILE B 143 -27.43 -9.76 20.90
C ILE B 143 -26.92 -8.43 20.35
N ASP B 144 -27.73 -7.39 20.43
CA ASP B 144 -27.41 -6.11 19.83
C ASP B 144 -26.40 -5.30 20.64
N THR B 145 -25.85 -5.85 21.72
CA THR B 145 -24.77 -5.22 22.44
C THR B 145 -23.43 -5.92 22.23
N GLU B 146 -23.43 -7.10 21.63
CA GLU B 146 -22.19 -7.77 21.24
C GLU B 146 -21.82 -7.43 19.80
N LEU B 147 -20.53 -7.31 19.54
CA LEU B 147 -19.98 -7.37 18.20
C LEU B 147 -19.39 -8.75 17.98
N LYS B 148 -19.70 -9.34 16.82
CA LYS B 148 -19.33 -10.72 16.52
C LYS B 148 -19.10 -10.86 15.02
N VAL B 149 -17.98 -11.44 14.65
CA VAL B 149 -17.70 -11.62 13.23
C VAL B 149 -18.72 -12.59 12.65
N ILE B 150 -18.92 -12.50 11.35
CA ILE B 150 -19.73 -13.46 10.62
C ILE B 150 -18.79 -14.47 9.98
N ASP B 151 -18.92 -15.73 10.41
CA ASP B 151 -18.00 -16.79 10.02
C ASP B 151 -17.82 -16.88 8.51
N THR B 152 -18.81 -16.46 7.75
CA THR B 152 -18.70 -16.55 6.30
C THR B 152 -17.68 -15.56 5.74
N ASN B 153 -17.26 -14.57 6.51
CA ASN B 153 -16.29 -13.59 6.03
C ASN B 153 -14.86 -13.98 6.40
N CYS B 154 -14.61 -15.28 6.52
CA CYS B 154 -13.35 -15.80 7.00
C CYS B 154 -12.93 -16.95 6.11
N ILE B 155 -11.66 -17.32 6.23
CA ILE B 155 -11.18 -18.61 5.73
C ILE B 155 -10.42 -19.27 6.87
N ASN B 156 -10.21 -20.57 6.73
CA ASN B 156 -9.50 -21.39 7.70
C ASN B 156 -8.12 -21.71 7.16
N VAL B 157 -7.09 -21.31 7.90
CA VAL B 157 -5.71 -21.40 7.44
C VAL B 157 -5.07 -22.63 8.09
N ILE B 158 -4.66 -23.58 7.27
CA ILE B 158 -3.94 -24.77 7.74
C ILE B 158 -2.47 -24.39 7.87
N GLN B 159 -2.04 -24.14 9.09
CA GLN B 159 -0.63 -24.02 9.36
C GLN B 159 0.01 -25.40 9.47
N PRO B 160 1.30 -25.54 9.09
CA PRO B 160 1.96 -26.85 9.18
C PRO B 160 1.78 -27.48 10.55
N ASP B 161 1.44 -26.67 11.55
CA ASP B 161 0.96 -27.14 12.84
C ASP B 161 0.03 -28.35 12.73
N GLY B 162 -0.80 -28.37 11.70
CA GLY B 162 -1.83 -29.38 11.55
C GLY B 162 -3.20 -28.92 11.99
N SER B 163 -3.30 -27.75 12.61
CA SER B 163 -4.57 -27.21 13.10
C SER B 163 -5.00 -26.01 12.26
N TYR B 164 -6.24 -25.59 12.49
CA TYR B 164 -6.86 -24.48 11.77
C TYR B 164 -6.46 -23.13 12.36
N ARG B 165 -6.92 -22.08 11.70
CA ARG B 165 -6.75 -20.70 12.14
C ARG B 165 -7.75 -19.88 11.32
N SER B 166 -8.74 -19.26 11.95
CA SER B 166 -9.76 -18.52 11.22
C SER B 166 -9.28 -17.08 11.00
N GLU B 167 -9.18 -16.68 9.74
CA GLU B 167 -8.62 -15.38 9.37
C GLU B 167 -9.67 -14.59 8.60
N GLU B 168 -9.85 -13.32 8.96
CA GLU B 168 -10.80 -12.52 8.22
C GLU B 168 -10.14 -12.04 6.93
N LEU B 169 -10.95 -11.81 5.92
CA LEU B 169 -10.39 -11.35 4.66
C LEU B 169 -11.49 -10.61 3.92
N ASN B 170 -11.09 -9.79 2.95
CA ASN B 170 -12.03 -9.01 2.18
C ASN B 170 -12.23 -9.52 0.77
N LEU B 171 -11.27 -10.26 0.23
CA LEU B 171 -11.26 -10.50 -1.21
C LEU B 171 -10.44 -11.73 -1.51
N VAL B 172 -11.01 -12.60 -2.32
CA VAL B 172 -10.31 -13.76 -2.87
C VAL B 172 -10.43 -13.67 -4.38
N ILE B 173 -9.33 -13.86 -5.06
CA ILE B 173 -9.32 -14.06 -6.50
C ILE B 173 -9.15 -15.55 -6.72
N ILE B 174 -10.07 -16.14 -7.49
CA ILE B 174 -10.01 -17.56 -7.82
C ILE B 174 -10.29 -17.74 -9.31
N GLY B 175 -9.77 -18.83 -9.86
CA GLY B 175 -9.99 -19.17 -11.25
C GLY B 175 -11.45 -19.44 -11.59
N PRO B 176 -11.75 -19.51 -12.87
CA PRO B 176 -13.14 -19.71 -13.30
C PRO B 176 -13.63 -21.10 -12.95
N SER B 177 -14.96 -21.25 -12.97
CA SER B 177 -15.58 -22.55 -12.79
C SER B 177 -15.61 -23.27 -14.13
N ALA B 178 -16.70 -23.99 -14.41
CA ALA B 178 -16.78 -24.75 -15.66
C ALA B 178 -16.59 -23.85 -16.88
N ASP B 179 -17.28 -22.71 -16.90
CA ASP B 179 -17.18 -21.76 -18.01
C ASP B 179 -15.97 -20.88 -17.79
N ILE B 180 -14.91 -21.10 -18.56
CA ILE B 180 -13.64 -20.46 -18.29
C ILE B 180 -13.74 -18.96 -18.44
N ILE B 181 -14.67 -18.47 -19.24
CA ILE B 181 -14.73 -17.06 -19.57
C ILE B 181 -15.87 -16.37 -18.84
N GLN B 182 -16.45 -17.02 -17.85
CA GLN B 182 -17.50 -16.41 -17.03
C GLN B 182 -16.85 -15.83 -15.78
N PHE B 183 -16.70 -14.51 -15.77
CA PHE B 183 -16.13 -13.77 -14.66
C PHE B 183 -17.24 -13.11 -13.86
N GLU B 184 -17.07 -13.04 -12.55
CA GLU B 184 -18.11 -12.40 -11.74
C GLU B 184 -17.56 -12.18 -10.34
N CYS B 185 -18.23 -11.28 -9.63
CA CYS B 185 -17.93 -11.04 -8.23
C CYS B 185 -19.11 -11.55 -7.41
N LYS B 186 -18.84 -12.51 -6.53
CA LYS B 186 -19.89 -13.15 -5.75
C LYS B 186 -19.43 -13.37 -4.32
N SER B 187 -20.40 -13.57 -3.43
CA SER B 187 -20.11 -13.70 -2.01
C SER B 187 -21.16 -14.59 -1.35
N PHE B 188 -20.80 -15.15 -0.20
CA PHE B 188 -21.70 -16.00 0.53
C PHE B 188 -22.71 -15.14 1.26
N GLY B 189 -23.97 -15.57 1.22
CA GLY B 189 -25.07 -14.83 1.79
C GLY B 189 -25.27 -15.12 3.26
N HIS B 190 -26.35 -14.60 3.79
CA HIS B 190 -26.71 -14.78 5.18
C HIS B 190 -28.18 -15.16 5.25
N GLU B 191 -28.51 -15.93 6.29
CA GLU B 191 -29.87 -16.41 6.47
C GLU B 191 -30.87 -15.26 6.46
N VAL B 192 -30.72 -14.32 7.40
CA VAL B 192 -31.68 -13.23 7.56
C VAL B 192 -31.13 -11.98 6.89
N LEU B 193 -29.81 -11.79 6.95
CA LEU B 193 -29.20 -10.55 6.52
C LEU B 193 -28.82 -10.58 5.05
N ASN B 194 -28.83 -9.40 4.43
CA ASN B 194 -28.36 -9.22 3.06
C ASN B 194 -27.10 -8.35 3.11
N LEU B 195 -25.95 -9.01 3.25
CA LEU B 195 -24.70 -8.31 3.58
C LEU B 195 -24.22 -7.38 2.47
N THR B 196 -24.49 -7.71 1.22
CA THR B 196 -24.07 -6.86 0.10
C THR B 196 -25.01 -5.70 -0.13
N ARG B 197 -26.04 -5.54 0.71
CA ARG B 197 -27.01 -4.48 0.53
C ARG B 197 -27.48 -3.81 1.82
N ASN B 198 -26.96 -4.19 2.98
CA ASN B 198 -27.35 -3.52 4.22
C ASN B 198 -26.21 -2.72 4.79
N GLY B 199 -25.25 -2.35 3.95
CA GLY B 199 -24.09 -1.64 4.40
C GLY B 199 -23.06 -2.47 5.12
N TYR B 200 -23.37 -3.72 5.46
CA TYR B 200 -22.40 -4.52 6.23
C TYR B 200 -21.23 -4.92 5.34
N GLY B 201 -21.51 -5.41 4.14
CA GLY B 201 -20.49 -5.98 3.30
C GLY B 201 -20.16 -7.41 3.70
N SER B 202 -19.35 -8.07 2.87
CA SER B 202 -19.03 -9.47 3.05
C SER B 202 -17.82 -9.82 2.19
N THR B 203 -17.14 -10.90 2.58
CA THR B 203 -15.98 -11.34 1.81
C THR B 203 -16.36 -11.64 0.35
N GLN B 204 -15.60 -11.09 -0.59
CA GLN B 204 -15.93 -11.20 -2.00
C GLN B 204 -14.99 -12.19 -2.68
N TYR B 205 -15.57 -13.12 -3.44
CA TYR B 205 -14.78 -14.02 -4.27
C TYR B 205 -14.96 -13.62 -5.74
N ILE B 206 -13.86 -13.25 -6.40
CA ILE B 206 -13.85 -12.87 -7.81
C ILE B 206 -13.39 -14.06 -8.63
N ARG B 207 -14.28 -14.57 -9.48
CA ARG B 207 -13.91 -15.54 -10.52
C ARG B 207 -13.26 -14.81 -11.68
N PHE B 208 -12.00 -15.14 -11.97
CA PHE B 208 -11.24 -14.43 -12.98
C PHE B 208 -10.11 -15.29 -13.52
N SER B 209 -9.77 -15.06 -14.79
CA SER B 209 -8.59 -15.65 -15.38
C SER B 209 -7.80 -14.54 -16.05
N PRO B 210 -6.48 -14.48 -15.84
CA PRO B 210 -5.65 -13.57 -16.63
C PRO B 210 -5.25 -14.18 -17.97
N ASP B 211 -5.61 -15.45 -18.19
CA ASP B 211 -5.13 -16.21 -19.33
C ASP B 211 -6.02 -16.09 -20.56
N PHE B 212 -7.17 -15.43 -20.46
CA PHE B 212 -7.98 -15.16 -21.65
C PHE B 212 -8.53 -13.74 -21.59
N THR B 213 -9.04 -13.26 -22.73
CA THR B 213 -9.71 -11.97 -22.80
C THR B 213 -10.70 -11.99 -23.96
N PHE B 214 -11.42 -10.88 -24.12
CA PHE B 214 -12.52 -10.79 -25.06
C PHE B 214 -12.24 -9.71 -26.09
N GLY B 215 -12.73 -9.93 -27.30
CA GLY B 215 -12.60 -8.96 -28.35
C GLY B 215 -13.78 -8.03 -28.45
N PHE B 216 -13.54 -6.87 -29.07
CA PHE B 216 -14.60 -5.92 -29.37
C PHE B 216 -14.16 -5.18 -30.63
N GLU B 217 -15.13 -4.68 -31.41
CA GLU B 217 -14.82 -3.93 -32.61
C GLU B 217 -14.99 -2.43 -32.39
N GLU B 218 -14.29 -1.67 -33.22
CA GLU B 218 -14.28 -0.22 -33.17
C GLU B 218 -15.18 0.33 -34.27
N SER B 219 -15.74 1.51 -34.02
CA SER B 219 -16.67 2.12 -34.96
C SER B 219 -16.07 2.20 -36.36
N LEU B 220 -16.94 2.13 -37.38
CA LEU B 220 -16.49 2.21 -38.76
C LEU B 220 -15.57 3.39 -39.00
N GLU B 221 -15.93 4.57 -38.49
CA GLU B 221 -15.11 5.75 -38.70
C GLU B 221 -14.98 6.46 -37.36
N VAL B 222 -13.76 6.51 -36.84
CA VAL B 222 -13.46 7.08 -35.53
C VAL B 222 -12.98 8.51 -35.76
N ASP B 223 -13.67 9.48 -35.15
CA ASP B 223 -13.33 10.89 -35.35
C ASP B 223 -12.12 11.32 -34.53
N THR B 224 -11.76 10.56 -33.49
CA THR B 224 -10.57 10.86 -32.72
C THR B 224 -9.31 10.42 -33.47
N ASN B 225 -9.33 9.19 -34.01
CA ASN B 225 -8.27 8.67 -34.85
C ASN B 225 -8.90 7.78 -35.93
N PRO B 226 -9.02 8.28 -37.17
CA PRO B 226 -9.80 7.53 -38.18
C PRO B 226 -9.15 6.22 -38.60
N LEU B 227 -7.87 6.03 -38.31
CA LEU B 227 -7.17 4.78 -38.64
C LEU B 227 -7.64 3.61 -37.78
N LEU B 228 -8.36 3.87 -36.69
CA LEU B 228 -8.90 2.79 -35.87
C LEU B 228 -10.21 2.26 -36.41
N GLY B 229 -10.75 2.88 -37.45
CA GLY B 229 -12.02 2.48 -38.02
C GLY B 229 -12.10 1.00 -38.36
N ALA B 230 -13.15 0.35 -37.87
CA ALA B 230 -13.44 -1.07 -38.14
C ALA B 230 -12.35 -2.00 -37.63
N GLY B 231 -11.47 -1.54 -36.76
CA GLY B 231 -10.45 -2.41 -36.22
C GLY B 231 -11.03 -3.49 -35.33
N LYS B 232 -10.24 -4.55 -35.17
CA LYS B 232 -10.57 -5.64 -34.27
C LYS B 232 -9.61 -5.61 -33.08
N PHE B 233 -10.17 -5.50 -31.86
CA PHE B 233 -9.36 -5.24 -30.69
C PHE B 233 -9.67 -6.24 -29.58
N ALA B 234 -8.77 -6.30 -28.61
CA ALA B 234 -8.88 -7.17 -27.44
C ALA B 234 -8.99 -6.34 -26.16
N THR B 235 -9.84 -6.80 -25.24
CA THR B 235 -10.01 -6.08 -23.99
C THR B 235 -8.78 -6.27 -23.12
N ASP B 236 -8.28 -5.17 -22.58
CA ASP B 236 -7.17 -5.24 -21.65
C ASP B 236 -7.66 -5.91 -20.38
N PRO B 237 -7.06 -7.03 -19.95
CA PRO B 237 -7.56 -7.74 -18.76
C PRO B 237 -7.42 -6.98 -17.46
N ALA B 238 -6.60 -5.93 -17.39
CA ALA B 238 -6.59 -5.07 -16.21
C ALA B 238 -7.92 -4.35 -16.07
N VAL B 239 -8.51 -3.94 -17.19
CA VAL B 239 -9.85 -3.35 -17.19
C VAL B 239 -10.85 -4.36 -16.64
N THR B 240 -10.76 -5.61 -17.12
CA THR B 240 -11.68 -6.65 -16.68
C THR B 240 -11.54 -6.92 -15.20
N LEU B 241 -10.31 -7.06 -14.72
CA LEU B 241 -10.11 -7.19 -13.28
C LEU B 241 -10.64 -5.97 -12.55
N ALA B 242 -10.29 -4.77 -13.01
CA ALA B 242 -10.75 -3.54 -12.34
C ALA B 242 -12.27 -3.51 -12.28
N HIS B 243 -12.91 -3.93 -13.36
CA HIS B 243 -14.36 -4.08 -13.39
C HIS B 243 -14.82 -4.93 -12.23
N GLU B 244 -14.30 -6.16 -12.15
CA GLU B 244 -14.72 -7.06 -11.09
C GLU B 244 -14.40 -6.47 -9.72
N LEU B 245 -13.28 -5.75 -9.60
CA LEU B 245 -12.93 -5.11 -8.34
C LEU B 245 -13.94 -4.05 -7.95
N ILE B 246 -14.44 -3.29 -8.93
CA ILE B 246 -15.44 -2.27 -8.64
C ILE B 246 -16.65 -2.92 -7.98
N HIS B 247 -17.13 -4.04 -8.53
CA HIS B 247 -18.16 -4.84 -7.86
C HIS B 247 -17.75 -5.17 -6.43
N ALA B 248 -16.54 -5.71 -6.26
CA ALA B 248 -16.06 -6.01 -4.92
C ALA B 248 -16.32 -4.86 -3.98
N GLY B 249 -16.02 -3.65 -4.42
CA GLY B 249 -16.12 -2.50 -3.54
C GLY B 249 -17.56 -2.22 -3.18
N HIS B 250 -18.43 -2.20 -4.18
CA HIS B 250 -19.86 -2.04 -3.93
C HIS B 250 -20.31 -3.00 -2.85
N ARG B 251 -19.86 -4.24 -2.93
CA ARG B 251 -20.41 -5.30 -2.10
C ARG B 251 -19.75 -5.37 -0.75
N LEU B 252 -18.46 -5.00 -0.67
CA LEU B 252 -17.80 -4.90 0.61
C LEU B 252 -18.36 -3.76 1.47
N TYR B 253 -18.83 -2.67 0.85
CA TYR B 253 -19.50 -1.65 1.66
C TYR B 253 -21.01 -1.84 1.71
N GLY B 254 -21.51 -3.00 1.29
CA GLY B 254 -22.93 -3.31 1.41
C GLY B 254 -23.85 -2.37 0.66
N ILE B 255 -23.44 -1.89 -0.50
CA ILE B 255 -24.25 -0.94 -1.26
C ILE B 255 -24.42 -1.39 -2.71
N ALA B 256 -24.28 -2.69 -2.96
CA ALA B 256 -24.61 -3.23 -4.27
C ALA B 256 -26.09 -3.04 -4.57
N ILE B 257 -26.40 -2.92 -5.86
CA ILE B 257 -27.79 -2.87 -6.32
C ILE B 257 -28.25 -4.30 -6.57
N ASN B 258 -29.43 -4.62 -6.09
CA ASN B 258 -29.98 -5.96 -6.22
C ASN B 258 -30.05 -6.36 -7.69
N PRO B 259 -29.54 -7.54 -8.07
CA PRO B 259 -29.70 -7.98 -9.48
C PRO B 259 -31.14 -8.01 -9.95
N ASN B 260 -32.14 -7.93 -9.04
CA ASN B 260 -33.53 -7.75 -9.47
C ASN B 260 -33.68 -6.60 -10.44
N ARG B 261 -32.95 -5.51 -10.20
CA ARG B 261 -33.17 -4.27 -10.94
C ARG B 261 -32.39 -4.29 -12.24
N VAL B 262 -33.13 -4.20 -13.35
CA VAL B 262 -32.60 -4.43 -14.68
C VAL B 262 -33.17 -3.40 -15.66
N PHE B 263 -32.39 -3.14 -16.71
CA PHE B 263 -32.85 -2.42 -17.88
C PHE B 263 -33.24 -3.42 -18.95
N GLU B 277 -31.58 -8.04 -20.83
CA GLU B 277 -31.51 -7.49 -19.47
C GLU B 277 -30.09 -7.30 -18.95
N VAL B 278 -29.77 -6.06 -18.58
CA VAL B 278 -28.55 -5.72 -17.86
C VAL B 278 -28.94 -5.17 -16.49
N SER B 279 -28.36 -5.75 -15.44
CA SER B 279 -28.66 -5.28 -14.10
C SER B 279 -28.13 -3.87 -13.92
N PHE B 280 -28.84 -3.07 -13.11
CA PHE B 280 -28.33 -1.75 -12.78
C PHE B 280 -26.93 -1.84 -12.20
N GLU B 281 -26.65 -2.90 -11.44
CA GLU B 281 -25.34 -3.08 -10.83
C GLU B 281 -24.24 -3.15 -11.88
N GLU B 282 -24.55 -3.69 -13.06
CA GLU B 282 -23.56 -3.80 -14.13
C GLU B 282 -23.40 -2.48 -14.89
N LEU B 283 -24.51 -1.82 -15.21
CA LEU B 283 -24.44 -0.51 -15.87
C LEU B 283 -23.63 0.47 -15.03
N ARG B 284 -23.91 0.52 -13.73
CA ARG B 284 -23.14 1.36 -12.81
C ARG B 284 -21.66 1.03 -12.87
N THR B 285 -21.33 -0.25 -12.76
CA THR B 285 -19.93 -0.65 -12.68
C THR B 285 -19.16 -0.23 -13.93
N PHE B 286 -19.75 -0.40 -15.11
CA PHE B 286 -19.05 0.02 -16.31
C PHE B 286 -19.11 1.53 -16.49
N GLY B 287 -20.16 2.19 -16.01
CA GLY B 287 -20.11 3.65 -16.00
C GLY B 287 -20.26 4.27 -17.38
N GLY B 288 -19.55 5.37 -17.59
CA GLY B 288 -19.68 6.06 -18.86
C GLY B 288 -21.13 6.38 -19.17
N HIS B 289 -21.45 6.39 -20.47
CA HIS B 289 -22.78 6.78 -20.90
C HIS B 289 -23.82 5.70 -20.66
N ASP B 290 -23.41 4.45 -20.43
CA ASP B 290 -24.36 3.45 -19.95
C ASP B 290 -25.01 3.88 -18.65
N ALA B 291 -24.28 4.59 -17.79
CA ALA B 291 -24.88 5.11 -16.57
C ALA B 291 -25.91 6.19 -16.84
N LYS B 292 -26.22 6.48 -18.11
CA LYS B 292 -27.38 7.31 -18.42
C LYS B 292 -28.68 6.54 -18.26
N PHE B 293 -28.65 5.23 -18.50
CA PHE B 293 -29.85 4.41 -18.48
C PHE B 293 -30.19 3.84 -17.11
N ILE B 294 -29.36 4.04 -16.09
CA ILE B 294 -29.81 3.76 -14.73
C ILE B 294 -30.93 4.72 -14.37
N ASP B 295 -32.10 4.16 -14.08
CA ASP B 295 -33.31 4.95 -13.90
C ASP B 295 -33.09 6.12 -12.97
N SER B 296 -32.43 7.15 -13.49
CA SER B 296 -32.44 8.50 -12.95
C SER B 296 -32.63 8.55 -11.43
N LEU B 297 -33.78 8.12 -10.95
CA LEU B 297 -34.25 8.47 -9.62
C LEU B 297 -34.59 7.28 -8.75
N GLN B 298 -34.65 6.06 -9.30
CA GLN B 298 -34.36 4.91 -8.47
C GLN B 298 -32.94 5.01 -7.94
N GLU B 299 -32.08 5.70 -8.69
CA GLU B 299 -30.66 5.75 -8.36
C GLU B 299 -30.44 6.30 -6.95
N ASN B 300 -30.87 7.53 -6.70
CA ASN B 300 -30.63 8.07 -5.36
C ASN B 300 -31.74 7.72 -4.37
N GLU B 301 -32.70 6.89 -4.76
CA GLU B 301 -33.38 6.05 -3.76
C GLU B 301 -32.33 5.32 -2.94
N PHE B 302 -31.33 4.76 -3.63
CA PHE B 302 -30.30 3.97 -2.96
C PHE B 302 -29.43 4.86 -2.09
N ARG B 303 -29.00 6.00 -2.62
CA ARG B 303 -28.08 6.88 -1.91
C ARG B 303 -28.70 7.43 -0.63
N LEU B 304 -30.02 7.63 -0.62
CA LEU B 304 -30.70 7.93 0.64
C LEU B 304 -30.83 6.68 1.51
N TYR B 305 -31.18 5.56 0.89
CA TYR B 305 -31.39 4.31 1.63
C TYR B 305 -30.11 3.86 2.33
N TYR B 306 -28.97 3.93 1.63
CA TYR B 306 -27.73 3.44 2.23
C TYR B 306 -27.16 4.44 3.23
N TYR B 307 -27.36 5.73 2.99
CA TYR B 307 -27.13 6.69 4.06
C TYR B 307 -27.81 6.22 5.34
N ASN B 308 -29.03 5.70 5.23
CA ASN B 308 -29.74 5.24 6.41
C ASN B 308 -29.24 3.90 6.91
N LYS B 309 -28.75 3.02 6.04
CA LYS B 309 -28.11 1.84 6.59
C LYS B 309 -26.82 2.21 7.29
N PHE B 310 -26.11 3.23 6.82
CA PHE B 310 -24.90 3.62 7.53
C PHE B 310 -25.23 4.19 8.90
N LYS B 311 -26.22 5.06 8.98
CA LYS B 311 -26.63 5.55 10.29
C LYS B 311 -27.01 4.39 11.22
N ASP B 312 -27.42 3.25 10.66
CA ASP B 312 -27.72 2.08 11.48
C ASP B 312 -26.44 1.41 11.93
N ILE B 313 -25.43 1.34 11.06
CA ILE B 313 -24.10 0.93 11.51
C ILE B 313 -23.67 1.80 12.68
N ALA B 314 -23.81 3.12 12.51
CA ALA B 314 -23.37 4.04 13.54
C ALA B 314 -24.01 3.69 14.88
N SER B 315 -25.34 3.58 14.90
CA SER B 315 -26.05 3.24 16.12
C SER B 315 -25.59 1.90 16.68
N THR B 316 -25.44 0.89 15.82
CA THR B 316 -25.03 -0.43 16.29
C THR B 316 -23.69 -0.37 17.01
N LEU B 317 -22.78 0.48 16.53
CA LEU B 317 -21.46 0.59 17.18
C LEU B 317 -21.55 1.32 18.51
N ASN B 318 -22.42 2.32 18.61
CA ASN B 318 -22.53 3.03 19.88
C ASN B 318 -23.15 2.15 20.97
N LYS B 319 -24.16 1.34 20.61
CA LYS B 319 -24.76 0.36 21.52
C LYS B 319 -23.82 -0.78 21.88
N ALA B 320 -22.61 -0.82 21.30
CA ALA B 320 -21.73 -1.99 21.44
C ALA B 320 -20.98 -1.91 22.76
N LYS B 321 -21.14 -2.96 23.58
CA LYS B 321 -20.55 -3.00 24.92
C LYS B 321 -19.64 -4.19 25.14
N SER B 322 -19.74 -5.24 24.34
CA SER B 322 -18.95 -6.45 24.52
C SER B 322 -18.51 -6.98 23.16
N ILE B 323 -17.43 -7.76 23.19
CA ILE B 323 -16.77 -8.27 21.98
C ILE B 323 -16.53 -9.77 22.15
N VAL B 324 -16.97 -10.55 21.17
CA VAL B 324 -16.81 -12.00 21.16
C VAL B 324 -15.49 -12.35 20.49
N GLY B 325 -14.71 -13.20 21.15
CA GLY B 325 -13.43 -13.61 20.59
C GLY B 325 -12.27 -13.22 21.46
N THR B 327 -9.43 -12.11 21.79
CA THR B 327 -8.65 -11.66 20.65
C THR B 327 -8.32 -10.16 20.73
N ALA B 328 -9.10 -9.33 20.03
CA ALA B 328 -8.85 -7.89 19.97
C ALA B 328 -9.98 -7.12 20.65
N SER B 329 -9.65 -5.95 21.19
CA SER B 329 -10.58 -5.18 22.02
C SER B 329 -11.78 -4.72 21.21
N LEU B 330 -12.88 -4.47 21.93
CA LEU B 330 -14.02 -3.80 21.32
C LEU B 330 -13.61 -2.50 20.67
N GLN B 331 -12.76 -1.72 21.34
CA GLN B 331 -12.39 -0.41 20.82
C GLN B 331 -11.57 -0.53 19.54
N TYR B 332 -10.85 -1.63 19.37
CA TYR B 332 -10.13 -1.79 18.12
C TYR B 332 -11.08 -2.05 16.96
N MET B 333 -12.12 -2.86 17.18
CA MET B 333 -13.06 -3.13 16.10
C MET B 333 -13.94 -1.93 15.78
N LYS B 334 -14.26 -1.12 16.78
CA LYS B 334 -15.07 0.06 16.51
C LYS B 334 -14.30 1.11 15.72
N ASN B 335 -13.00 1.24 15.98
CA ASN B 335 -12.20 2.18 15.19
C ASN B 335 -11.96 1.66 13.77
N VAL B 336 -11.91 0.33 13.59
CA VAL B 336 -11.83 -0.22 12.24
C VAL B 336 -13.02 0.24 11.40
N PHE B 337 -14.23 0.22 11.99
CA PHE B 337 -15.43 0.56 11.24
C PHE B 337 -15.76 2.05 11.27
N LYS B 338 -15.26 2.77 12.27
CA LYS B 338 -15.16 4.22 12.15
C LYS B 338 -14.35 4.59 10.91
N GLU B 339 -13.19 3.97 10.72
CA GLU B 339 -12.36 4.25 9.55
C GLU B 339 -13.05 3.80 8.27
N LYS B 340 -13.56 2.57 8.24
CA LYS B 340 -14.22 2.06 7.03
C LYS B 340 -15.29 3.00 6.50
N TYR B 341 -16.19 3.43 7.38
CA TYR B 341 -17.37 4.18 6.98
C TYR B 341 -17.21 5.68 7.13
N LEU B 342 -16.03 6.14 7.58
CA LEU B 342 -15.72 7.56 7.68
C LEU B 342 -16.69 8.26 8.63
N LEU B 343 -17.06 7.56 9.69
CA LEU B 343 -18.00 8.09 10.67
C LEU B 343 -17.34 9.15 11.52
N SER B 344 -18.14 10.11 11.97
CA SER B 344 -17.70 11.13 12.90
C SER B 344 -17.86 10.67 14.34
N GLU B 345 -17.07 11.25 15.22
CA GLU B 345 -17.09 10.97 16.65
C GLU B 345 -17.09 12.28 17.42
N ASP B 346 -17.95 12.39 18.41
CA ASP B 346 -18.08 13.62 19.20
C ASP B 346 -17.22 13.51 20.44
N THR B 347 -17.26 14.56 21.27
CA THR B 347 -16.53 14.57 22.53
C THR B 347 -16.81 13.31 23.33
N SER B 348 -18.06 12.83 23.28
CA SER B 348 -18.48 11.67 24.06
C SER B 348 -18.02 10.34 23.50
N GLY B 349 -17.48 10.31 22.28
CA GLY B 349 -17.19 9.03 21.65
C GLY B 349 -18.37 8.41 20.95
N LYS B 350 -19.35 9.22 20.57
CA LYS B 350 -20.55 8.74 19.87
C LYS B 350 -20.30 8.81 18.37
N PHE B 351 -20.51 7.68 17.68
CA PHE B 351 -20.33 7.62 16.23
C PHE B 351 -21.55 8.16 15.50
N SER B 352 -21.29 8.73 14.33
CA SER B 352 -22.30 9.43 13.55
C SER B 352 -21.90 9.41 12.07
N VAL B 353 -22.87 9.61 11.21
CA VAL B 353 -22.65 9.63 9.77
C VAL B 353 -22.66 11.08 9.33
N ASP B 354 -21.53 11.53 8.79
CA ASP B 354 -21.42 12.86 8.20
C ASP B 354 -22.01 12.85 6.79
N LYS B 355 -22.98 13.72 6.57
CA LYS B 355 -23.65 13.86 5.28
C LYS B 355 -22.64 13.91 4.15
N LEU B 356 -21.73 14.88 4.21
CA LEU B 356 -20.73 15.08 3.17
C LEU B 356 -19.80 13.88 3.03
N LYS B 357 -19.30 13.36 4.15
CA LYS B 357 -18.40 12.22 4.06
C LYS B 357 -19.12 11.02 3.48
N PHE B 358 -20.41 10.87 3.78
CA PHE B 358 -21.17 9.80 3.13
C PHE B 358 -21.19 9.99 1.63
N ASP B 359 -21.61 11.17 1.16
CA ASP B 359 -21.64 11.38 -0.29
C ASP B 359 -20.25 11.22 -0.90
N LYS B 360 -19.20 11.56 -0.16
CA LYS B 360 -17.84 11.40 -0.67
C LYS B 360 -17.47 9.93 -0.82
N LEU B 361 -17.79 9.12 0.18
CA LEU B 361 -17.51 7.68 0.10
C LEU B 361 -18.46 6.99 -0.88
N TYR B 362 -19.74 7.33 -0.83
CA TYR B 362 -20.72 6.70 -1.72
C TYR B 362 -20.42 7.04 -3.17
N LYS B 363 -20.06 8.29 -3.43
CA LYS B 363 -19.73 8.75 -4.77
C LYS B 363 -18.50 8.05 -5.33
N MET B 364 -17.43 7.92 -4.52
CA MET B 364 -16.25 7.21 -4.99
C MET B 364 -16.62 5.81 -5.47
N LEU B 365 -17.41 5.10 -4.67
CA LEU B 365 -17.63 3.68 -4.95
C LEU B 365 -18.51 3.51 -6.18
N THR B 366 -19.49 4.39 -6.36
CA THR B 366 -20.53 4.18 -7.35
C THR B 366 -20.27 4.92 -8.66
N GLU B 367 -19.70 6.12 -8.61
CA GLU B 367 -19.46 6.95 -9.79
C GLU B 367 -18.00 7.12 -10.18
N ILE B 368 -17.07 7.16 -9.23
CA ILE B 368 -15.69 7.38 -9.61
C ILE B 368 -15.06 6.08 -10.07
N TYR B 369 -15.18 5.04 -9.26
CA TYR B 369 -14.69 3.70 -9.57
C TYR B 369 -15.60 3.09 -10.64
N THR B 370 -15.32 3.42 -11.90
CA THR B 370 -16.04 2.79 -13.01
C THR B 370 -15.05 2.22 -14.02
N GLU B 371 -15.47 1.16 -14.70
CA GLU B 371 -14.66 0.63 -15.80
C GLU B 371 -14.31 1.74 -16.80
N ASP B 372 -15.27 2.59 -17.14
CA ASP B 372 -15.00 3.64 -18.11
C ASP B 372 -13.86 4.53 -17.64
N ASN B 373 -13.85 4.92 -16.35
CA ASN B 373 -12.79 5.77 -15.86
C ASN B 373 -11.45 5.04 -15.83
N PHE B 374 -11.45 3.74 -15.50
CA PHE B 374 -10.19 3.00 -15.57
C PHE B 374 -9.63 3.00 -16.98
N VAL B 375 -10.50 2.86 -17.98
CA VAL B 375 -10.03 2.96 -19.35
C VAL B 375 -9.34 4.30 -19.56
N LYS B 376 -9.98 5.39 -19.10
CA LYS B 376 -9.36 6.70 -19.21
C LYS B 376 -7.99 6.73 -18.53
N PHE B 377 -7.85 6.07 -17.37
CA PHE B 377 -6.53 6.10 -16.73
C PHE B 377 -5.53 5.18 -17.40
N PHE B 378 -5.94 3.99 -17.86
CA PHE B 378 -4.99 3.13 -18.54
C PHE B 378 -4.66 3.64 -19.94
N LYS B 379 -5.45 4.55 -20.48
CA LYS B 379 -5.24 5.02 -21.85
C LYS B 379 -5.18 3.83 -22.80
N VAL B 380 -6.20 2.99 -22.72
CA VAL B 380 -6.36 1.83 -23.57
C VAL B 380 -7.66 2.00 -24.33
N LEU B 381 -7.84 1.16 -25.34
CA LEU B 381 -9.09 1.17 -26.08
C LEU B 381 -10.00 0.14 -25.42
N ASN B 382 -11.30 0.43 -25.42
CA ASN B 382 -12.23 -0.46 -24.76
C ASN B 382 -13.58 -0.38 -25.44
N ARG B 383 -14.33 -1.46 -25.28
CA ARG B 383 -15.75 -1.49 -25.55
C ARG B 383 -16.39 -0.18 -25.14
N LYS B 384 -17.37 0.26 -25.92
CA LYS B 384 -17.98 1.55 -25.64
C LYS B 384 -19.09 1.43 -24.59
N THR B 385 -20.03 0.52 -24.79
CA THR B 385 -21.08 0.20 -23.83
C THR B 385 -20.83 -1.19 -23.26
N TYR B 386 -21.53 -1.51 -22.17
CA TYR B 386 -21.31 -2.80 -21.50
C TYR B 386 -21.59 -3.99 -22.41
N LEU B 387 -22.54 -3.86 -23.32
CA LEU B 387 -22.97 -5.02 -24.09
C LEU B 387 -22.21 -5.23 -25.38
N ASN B 388 -21.58 -4.20 -25.96
CA ASN B 388 -21.07 -4.33 -27.32
C ASN B 388 -19.70 -5.02 -27.35
N PHE B 389 -19.67 -6.24 -26.83
CA PHE B 389 -18.60 -7.17 -27.17
C PHE B 389 -18.82 -7.76 -28.56
N ASP B 390 -17.72 -8.15 -29.19
CA ASP B 390 -17.76 -9.25 -30.13
C ASP B 390 -17.83 -10.54 -29.35
N LYS B 391 -18.39 -11.56 -29.97
CA LYS B 391 -18.35 -12.87 -29.33
C LYS B 391 -17.04 -13.58 -29.69
N ALA B 392 -15.95 -12.84 -29.82
CA ALA B 392 -14.63 -13.42 -30.03
C ALA B 392 -13.90 -13.55 -28.70
N VAL B 393 -13.19 -14.65 -28.53
CA VAL B 393 -12.48 -14.94 -27.29
C VAL B 393 -11.06 -15.34 -27.63
N PHE B 394 -10.11 -14.91 -26.80
CA PHE B 394 -8.70 -15.07 -27.12
C PHE B 394 -7.94 -15.64 -25.93
N LYS B 395 -7.04 -16.58 -26.22
CA LYS B 395 -6.02 -16.98 -25.27
C LYS B 395 -4.88 -15.94 -25.30
N ILE B 396 -4.32 -15.65 -24.12
CA ILE B 396 -3.29 -14.63 -23.99
C ILE B 396 -2.29 -15.09 -22.94
N ASN B 397 -1.10 -14.48 -22.97
CA ASN B 397 -0.11 -14.65 -21.90
C ASN B 397 0.51 -13.29 -21.59
N ILE B 398 0.03 -12.66 -20.50
CA ILE B 398 0.53 -11.35 -20.11
C ILE B 398 1.72 -11.41 -19.20
N VAL B 399 2.09 -12.59 -18.73
CA VAL B 399 3.21 -12.66 -17.79
C VAL B 399 4.51 -12.18 -18.40
N PRO B 400 4.91 -12.57 -19.62
CA PRO B 400 6.20 -12.11 -20.17
C PRO B 400 6.15 -10.62 -20.52
N LYS B 401 7.14 -9.86 -20.05
CA LYS B 401 7.10 -8.41 -20.24
C LYS B 401 7.26 -7.98 -21.69
N VAL B 402 7.77 -8.84 -22.58
CA VAL B 402 7.77 -8.50 -24.00
C VAL B 402 6.39 -8.65 -24.61
N ASN B 403 5.47 -9.26 -23.89
CA ASN B 403 4.09 -9.38 -24.33
C ASN B 403 3.20 -8.37 -23.69
N TYR B 404 3.51 -7.95 -22.45
CA TYR B 404 2.63 -7.00 -21.79
C TYR B 404 3.25 -6.52 -20.48
N THR B 405 3.11 -5.22 -20.25
CA THR B 405 3.78 -4.56 -19.14
C THR B 405 2.77 -3.91 -18.20
N ILE B 406 3.19 -3.80 -16.95
CA ILE B 406 2.43 -3.08 -15.93
C ILE B 406 2.00 -1.72 -16.43
N TYR B 407 2.90 -0.99 -17.10
CA TYR B 407 2.58 0.39 -17.43
C TYR B 407 1.85 0.59 -18.74
N ASP B 408 2.06 -0.27 -19.74
CA ASP B 408 1.47 -0.01 -21.05
C ASP B 408 0.47 -1.08 -21.49
N GLY B 409 0.24 -2.10 -20.68
CA GLY B 409 -0.54 -3.24 -21.16
C GLY B 409 0.13 -3.84 -22.39
N PHE B 410 -0.68 -4.12 -23.42
CA PHE B 410 -0.16 -4.65 -24.68
C PHE B 410 0.55 -3.58 -25.52
N ASN B 411 0.32 -2.30 -25.25
CA ASN B 411 0.71 -1.25 -26.19
C ASN B 411 2.12 -0.75 -25.85
N LEU B 412 3.11 -1.56 -26.21
CA LEU B 412 4.43 -1.42 -25.60
C LEU B 412 5.12 -0.17 -26.14
N ARG B 413 5.50 0.72 -25.23
CA ARG B 413 6.19 1.93 -25.62
C ARG B 413 7.48 1.59 -26.37
N ASN B 414 7.81 2.43 -27.33
CA ASN B 414 8.96 2.22 -28.20
C ASN B 414 8.88 0.89 -28.95
N THR B 415 7.66 0.53 -29.33
CA THR B 415 7.47 -0.49 -30.33
C THR B 415 6.44 0.03 -31.32
N ASN B 416 6.36 -0.62 -32.48
CA ASN B 416 5.27 -0.36 -33.40
C ASN B 416 3.91 -0.74 -32.80
N LEU B 417 3.86 -1.33 -31.62
CA LEU B 417 2.61 -1.53 -30.91
C LEU B 417 2.26 -0.35 -30.02
N ALA B 418 3.13 0.66 -29.96
CA ALA B 418 2.93 1.75 -29.01
C ALA B 418 1.84 2.70 -29.47
N ALA B 419 1.73 2.95 -30.77
CA ALA B 419 0.75 3.87 -31.31
C ALA B 419 -0.51 3.16 -31.77
N ASN B 420 -1.61 3.90 -31.78
CA ASN B 420 -2.88 3.49 -32.38
C ASN B 420 -3.45 2.23 -31.73
N PHE B 421 -3.08 1.96 -30.49
CA PHE B 421 -3.57 0.77 -29.79
C PHE B 421 -3.29 -0.48 -30.62
N ASN B 422 -2.16 -0.47 -31.32
CA ASN B 422 -1.76 -1.63 -32.11
C ASN B 422 -1.56 -2.87 -31.24
N GLY B 423 -1.03 -2.68 -30.02
CA GLY B 423 -0.82 -3.83 -29.14
C GLY B 423 -2.11 -4.53 -28.80
N GLN B 424 -3.22 -3.79 -28.84
CA GLN B 424 -4.55 -4.35 -28.62
C GLN B 424 -5.22 -4.83 -29.90
N ASN B 425 -4.68 -4.50 -31.05
CA ASN B 425 -5.25 -4.94 -32.32
C ASN B 425 -4.90 -6.40 -32.56
N THR B 426 -5.92 -7.24 -32.62
CA THR B 426 -5.67 -8.68 -32.66
C THR B 426 -5.19 -9.17 -34.02
N GLU B 427 -5.08 -8.30 -35.02
CA GLU B 427 -4.51 -8.65 -36.31
C GLU B 427 -3.09 -8.14 -36.47
N ILE B 428 -2.85 -6.88 -36.08
CA ILE B 428 -1.49 -6.36 -36.03
C ILE B 428 -0.68 -7.09 -34.97
N ASN B 429 -1.20 -7.16 -33.75
CA ASN B 429 -0.51 -7.88 -32.68
C ASN B 429 -0.91 -9.35 -32.64
N ASN B 430 -1.08 -10.00 -33.80
CA ASN B 430 -1.73 -11.31 -33.80
C ASN B 430 -1.05 -12.31 -32.89
N MET B 431 0.28 -12.19 -32.71
CA MET B 431 0.99 -13.23 -31.99
C MET B 431 0.67 -13.23 -30.49
N ASN B 432 0.04 -12.17 -29.98
CA ASN B 432 -0.41 -12.13 -28.59
C ASN B 432 -1.86 -12.54 -28.41
N PHE B 433 -2.57 -12.95 -29.46
CA PHE B 433 -3.99 -13.26 -29.35
C PHE B 433 -4.33 -14.45 -30.23
N THR B 434 -4.70 -15.56 -29.59
CA THR B 434 -5.11 -16.76 -30.27
C THR B 434 -6.62 -16.89 -30.11
N LYS B 435 -7.35 -16.72 -31.21
CA LYS B 435 -8.80 -16.78 -31.18
C LYS B 435 -9.29 -18.21 -30.98
N LEU B 436 -10.47 -18.33 -30.38
CA LEU B 436 -11.10 -19.63 -30.16
C LEU B 436 -12.36 -19.77 -31.01
#